data_6KP0
#
_entry.id   6KP0
#
_cell.length_a   50.632
_cell.length_b   57.204
_cell.length_c   67.049
_cell.angle_alpha   89.860
_cell.angle_beta   85.080
_cell.angle_gamma   68.570
#
_symmetry.space_group_name_H-M   'P 1'
#
loop_
_entity.id
_entity.type
_entity.pdbx_description
1 polymer 'Zinc metalloprotease, putative'
2 non-polymer 'ZINC ION'
3 non-polymer ARGININE
4 non-polymer 'SODIUM ION'
5 water water
#
_entity_poly.entity_id   1
_entity_poly.type   'polypeptide(L)'
_entity_poly.pdbx_seq_one_letter_code
;MASWSHPQFEKGSSHHHHHHSSGSGGGGGENLYFQGSQSVGDSIFPSLGQRGLDVQHYDLHLTVPRPGEPHLSGDVTLTV
GAREPLSRIVLDLLGPRVSAAQWNGQRVRWVQTAQKVEVTLPRPLRPGETGRLRLIYAGTPELSGDPGLPIRPGWQNEAG
LSYSLSEPHGTRGFLPCNDHPSDPATFTVRVTVPASASAAASGLFTTQTERNGLKTLTFTQRVPVPTYALGLIVGPLERR
TAPDVQLGTQTVHRRDIYAAGLPAGTTVPEGETARMLRVLSDWFGPYPDEVYGVALLPVRQLALETAGLTTMPATSNRER
VRLHALAHQWFGDQVTLADWADTWLSEGFATYAELLWAESQGEDGQAMAADWYARLSVLPSRPLRATREEEIFDASAYFR
GALALHALRLKVGDAAFGQFLHSYVKTFTGRPVSTTALLTLVKTQLGAEAEQTLRVWVEGRTLPPLPEPVGAPV
;
_entity_poly.pdbx_strand_id   A,B
#
loop_
_chem_comp.id
_chem_comp.type
_chem_comp.name
_chem_comp.formula
NA non-polymer 'SODIUM ION' 'Na 1'
ZN non-polymer 'ZINC ION' 'Zn 2'
#
# COMPACT_ATOMS: atom_id res chain seq x y z
N GLN A 38 -10.55 -2.63 9.14
CA GLN A 38 -10.24 -2.79 7.73
C GLN A 38 -10.18 -1.44 7.01
N SER A 39 -9.89 -1.48 5.71
CA SER A 39 -9.95 -0.30 4.87
C SER A 39 -11.39 0.18 4.70
N VAL A 40 -11.52 1.39 4.14
CA VAL A 40 -12.84 1.92 3.81
C VAL A 40 -13.52 1.06 2.76
N GLY A 41 -12.75 0.35 1.94
CA GLY A 41 -13.32 -0.53 0.94
C GLY A 41 -13.66 0.13 -0.37
N ASP A 42 -12.97 1.23 -0.72
CA ASP A 42 -13.24 1.93 -1.98
C ASP A 42 -13.08 0.99 -3.16
N SER A 43 -14.01 1.10 -4.11
CA SER A 43 -13.98 0.22 -5.29
C SER A 43 -12.76 0.49 -6.17
N ILE A 44 -12.26 1.72 -6.20
CA ILE A 44 -11.12 2.06 -7.03
C ILE A 44 -9.81 1.94 -6.26
N PHE A 45 -9.77 2.42 -5.01
CA PHE A 45 -8.59 2.35 -4.16
C PHE A 45 -8.94 1.58 -2.90
N PRO A 46 -8.84 0.25 -2.93
CA PRO A 46 -9.40 -0.57 -1.84
C PRO A 46 -8.57 -0.57 -0.55
N SER A 47 -7.37 0.01 -0.55
CA SER A 47 -6.54 0.00 0.64
C SER A 47 -6.61 1.31 1.44
N LEU A 48 -7.25 2.35 0.91
CA LEU A 48 -7.24 3.66 1.57
C LEU A 48 -8.21 3.71 2.75
N GLY A 49 -7.83 4.46 3.77
CA GLY A 49 -8.73 4.77 4.88
C GLY A 49 -8.92 3.60 5.82
N GLN A 50 -9.79 3.84 6.81
CA GLN A 50 -10.20 2.83 7.80
C GLN A 50 -11.71 2.84 7.93
N ARG A 51 -12.33 1.66 7.78
CA ARG A 51 -13.78 1.55 7.89
C ARG A 51 -14.25 1.98 9.27
N GLY A 52 -15.29 2.81 9.30
CA GLY A 52 -15.90 3.25 10.54
C GLY A 52 -15.25 4.44 11.21
N LEU A 53 -14.08 4.88 10.74
CA LEU A 53 -13.41 6.03 11.33
C LEU A 53 -14.04 7.33 10.84
N ASP A 54 -14.20 8.28 11.75
CA ASP A 54 -14.80 9.58 11.46
C ASP A 54 -13.91 10.67 12.08
N VAL A 55 -12.87 11.07 11.35
CA VAL A 55 -12.03 12.18 11.81
C VAL A 55 -12.85 13.46 11.72
N GLN A 56 -12.96 14.17 12.84
CA GLN A 56 -13.76 15.38 12.89
C GLN A 56 -12.94 16.65 12.72
N HIS A 57 -11.66 16.61 13.11
CA HIS A 57 -10.84 17.80 13.03
C HIS A 57 -9.38 17.38 12.93
N TYR A 58 -8.61 18.12 12.14
CA TYR A 58 -7.16 17.99 12.07
C TYR A 58 -6.55 19.29 12.58
N ASP A 59 -5.73 19.18 13.64
CA ASP A 59 -4.96 20.31 14.13
C ASP A 59 -3.51 20.04 13.72
N LEU A 60 -3.07 20.70 12.65
CA LEU A 60 -1.78 20.40 12.03
C LEU A 60 -0.83 21.57 12.24
N HIS A 61 0.34 21.28 12.80
CA HIS A 61 1.48 22.18 12.78
C HIS A 61 2.51 21.58 11.81
N LEU A 62 2.65 22.21 10.64
CA LEU A 62 3.60 21.77 9.63
C LEU A 62 4.74 22.78 9.55
N THR A 63 5.98 22.28 9.56
CA THR A 63 7.15 23.11 9.35
C THR A 63 7.84 22.67 8.07
N VAL A 64 8.13 23.63 7.20
CA VAL A 64 8.87 23.36 5.97
C VAL A 64 10.16 24.16 6.01
N PRO A 65 11.31 23.52 6.17
CA PRO A 65 12.55 24.29 6.37
C PRO A 65 12.99 25.05 5.13
N ARG A 66 12.79 24.47 3.94
CA ARG A 66 13.20 25.09 2.68
C ARG A 66 12.11 24.89 1.65
N PRO A 67 11.28 25.90 1.40
CA PRO A 67 10.28 25.79 0.33
C PRO A 67 10.93 25.43 -1.00
N GLY A 68 10.30 24.48 -1.70
CA GLY A 68 10.87 23.91 -2.90
C GLY A 68 11.55 22.58 -2.69
N GLU A 69 11.81 22.21 -1.43
CA GLU A 69 12.36 20.90 -1.08
C GLU A 69 11.33 20.10 -0.30
N PRO A 70 11.18 18.81 -0.59
CA PRO A 70 10.01 18.08 -0.07
C PRO A 70 10.07 17.78 1.43
N HIS A 71 11.25 17.76 2.04
CA HIS A 71 11.34 17.38 3.45
C HIS A 71 10.55 18.36 4.33
N LEU A 72 10.05 17.85 5.45
CA LEU A 72 9.25 18.67 6.37
C LEU A 72 9.14 17.92 7.70
N SER A 73 8.54 18.59 8.67
CA SER A 73 8.19 18.00 9.95
C SER A 73 6.77 18.39 10.30
N GLY A 74 6.10 17.54 11.08
CA GLY A 74 4.70 17.73 11.38
C GLY A 74 4.35 17.37 12.80
N ASP A 75 3.31 18.03 13.30
CA ASP A 75 2.76 17.78 14.64
C ASP A 75 1.25 17.95 14.52
N VAL A 76 0.51 16.85 14.57
CA VAL A 76 -0.90 16.86 14.27
C VAL A 76 -1.67 16.23 15.43
N THR A 77 -2.80 16.83 15.78
CA THR A 77 -3.74 16.25 16.73
C THR A 77 -5.07 16.04 16.00
N LEU A 78 -5.46 14.79 15.84
CA LEU A 78 -6.73 14.45 15.21
C LEU A 78 -7.80 14.27 16.28
N THR A 79 -8.90 15.00 16.14
CA THR A 79 -10.10 14.74 16.93
C THR A 79 -10.96 13.77 16.11
N VAL A 80 -11.14 12.55 16.62
CA VAL A 80 -11.74 11.48 15.84
C VAL A 80 -12.95 10.92 16.57
N GLY A 81 -13.96 10.54 15.79
CA GLY A 81 -15.08 9.77 16.29
C GLY A 81 -15.15 8.45 15.57
N ALA A 82 -16.26 7.73 15.71
CA ALA A 82 -16.37 6.43 15.07
C ALA A 82 -17.83 6.09 14.81
N ARG A 83 -18.07 5.38 13.71
CA ARG A 83 -19.37 4.83 13.40
C ARG A 83 -19.51 3.37 13.82
N GLU A 84 -18.42 2.75 14.26
CA GLU A 84 -18.42 1.41 14.83
C GLU A 84 -17.26 1.34 15.82
N PRO A 85 -17.31 0.39 16.76
CA PRO A 85 -16.21 0.29 17.73
C PRO A 85 -14.88 0.05 17.03
N LEU A 86 -13.87 0.83 17.44
CA LEU A 86 -12.53 0.72 16.87
C LEU A 86 -11.53 0.50 18.00
N SER A 87 -10.80 -0.61 17.93
CA SER A 87 -9.73 -0.90 18.87
C SER A 87 -8.40 -0.33 18.43
N ARG A 88 -8.30 0.15 17.19
CA ARG A 88 -7.11 0.77 16.67
C ARG A 88 -7.50 1.95 15.79
N ILE A 89 -6.61 2.92 15.68
CA ILE A 89 -6.74 4.01 14.73
C ILE A 89 -5.70 3.80 13.64
N VAL A 90 -6.16 3.62 12.40
CA VAL A 90 -5.29 3.30 11.27
C VAL A 90 -5.41 4.44 10.27
N LEU A 91 -4.31 5.18 10.09
CA LEU A 91 -4.27 6.34 9.22
C LEU A 91 -3.33 6.09 8.05
N ASP A 92 -3.62 6.75 6.94
CA ASP A 92 -2.76 6.66 5.76
C ASP A 92 -1.60 7.62 5.90
N LEU A 93 -0.39 7.12 5.67
CA LEU A 93 0.82 7.95 5.68
C LEU A 93 1.82 7.34 4.72
N LEU A 94 2.38 8.19 3.85
CA LEU A 94 3.23 7.71 2.75
C LEU A 94 4.47 8.60 2.67
N GLY A 95 5.51 8.23 3.41
CA GLY A 95 6.76 8.94 3.34
C GLY A 95 7.38 9.23 4.68
N PRO A 96 6.82 10.21 5.40
CA PRO A 96 7.39 10.59 6.70
C PRO A 96 7.35 9.44 7.70
N ARG A 97 8.09 9.62 8.79
CA ARG A 97 8.32 8.59 9.79
C ARG A 97 7.85 9.11 11.15
N VAL A 98 6.83 8.48 11.71
CA VAL A 98 6.29 8.90 13.01
C VAL A 98 7.34 8.68 14.08
N SER A 99 7.46 9.66 15.00
CA SER A 99 8.41 9.56 16.10
C SER A 99 7.76 9.41 17.47
N ALA A 100 6.47 9.74 17.60
CA ALA A 100 5.77 9.67 18.88
C ALA A 100 4.27 9.72 18.62
N ALA A 101 3.51 9.13 19.52
CA ALA A 101 2.06 9.10 19.40
C ALA A 101 1.42 9.18 20.79
N GLN A 102 0.29 9.86 20.88
CA GLN A 102 -0.45 10.01 22.12
C GLN A 102 -1.94 9.87 21.87
N TRP A 103 -2.64 9.33 22.86
CA TRP A 103 -4.09 9.17 22.81
C TRP A 103 -4.67 9.72 24.10
N ASN A 104 -5.44 10.81 24.00
CA ASN A 104 -5.99 11.50 25.16
C ASN A 104 -4.89 11.89 26.14
N GLY A 105 -3.78 12.41 25.61
CA GLY A 105 -2.69 12.87 26.43
C GLY A 105 -1.84 11.79 27.08
N GLN A 106 -2.08 10.53 26.76
CA GLN A 106 -1.33 9.41 27.33
C GLN A 106 -0.48 8.74 26.26
N ARG A 107 0.63 8.15 26.71
CA ARG A 107 1.46 7.35 25.80
C ARG A 107 0.61 6.25 25.17
N VAL A 108 0.85 5.98 23.89
CA VAL A 108 0.03 5.01 23.17
C VAL A 108 0.93 4.14 22.30
N ARG A 109 0.47 2.91 22.08
CA ARG A 109 1.15 1.95 21.21
C ARG A 109 0.91 2.29 19.75
N TRP A 110 1.99 2.32 18.95
CA TRP A 110 1.84 2.60 17.53
C TRP A 110 2.89 1.82 16.75
N VAL A 111 2.61 1.63 15.46
CA VAL A 111 3.54 1.02 14.52
C VAL A 111 3.27 1.61 13.15
N GLN A 112 4.32 1.77 12.35
CA GLN A 112 4.20 2.35 11.01
C GLN A 112 4.55 1.29 9.98
N THR A 113 3.59 0.95 9.14
CA THR A 113 3.78 -0.03 8.08
C THR A 113 4.26 0.69 6.81
N ALA A 114 4.17 0.04 5.65
CA ALA A 114 4.64 0.66 4.43
C ALA A 114 3.78 1.85 4.00
N GLN A 115 2.47 1.81 4.30
CA GLN A 115 1.58 2.88 3.88
C GLN A 115 0.60 3.31 4.97
N LYS A 116 0.76 2.84 6.21
CA LYS A 116 -0.19 3.13 7.27
C LYS A 116 0.52 3.35 8.59
N VAL A 117 -0.18 3.98 9.52
CA VAL A 117 0.22 4.08 10.91
C VAL A 117 -0.91 3.49 11.75
N GLU A 118 -0.61 2.43 12.50
CA GLU A 118 -1.58 1.76 13.36
C GLU A 118 -1.35 2.19 14.80
N VAL A 119 -2.40 2.65 15.46
CA VAL A 119 -2.36 3.10 16.85
C VAL A 119 -3.31 2.22 17.66
N THR A 120 -2.75 1.38 18.52
CA THR A 120 -3.57 0.53 19.38
C THR A 120 -4.05 1.35 20.57
N LEU A 121 -5.37 1.45 20.74
CA LEU A 121 -5.92 2.24 21.82
C LEU A 121 -5.95 1.44 23.12
N PRO A 122 -5.92 2.11 24.27
CA PRO A 122 -6.05 1.38 25.54
C PRO A 122 -7.45 0.81 25.75
N ARG A 123 -8.46 1.41 25.13
CA ARG A 123 -9.82 0.91 25.12
C ARG A 123 -10.46 1.33 23.81
N PRO A 124 -11.47 0.60 23.34
CA PRO A 124 -12.01 0.89 22.01
C PRO A 124 -12.70 2.24 21.95
N LEU A 125 -12.59 2.87 20.78
CA LEU A 125 -13.34 4.10 20.50
C LEU A 125 -14.73 3.72 20.00
N ARG A 126 -15.76 4.11 20.74
CA ARG A 126 -17.09 3.66 20.41
C ARG A 126 -17.95 4.80 19.88
N PRO A 127 -18.95 4.49 19.06
CA PRO A 127 -19.81 5.54 18.51
C PRO A 127 -20.37 6.44 19.60
N GLY A 128 -20.27 7.75 19.38
CA GLY A 128 -20.64 8.75 20.35
C GLY A 128 -19.47 9.34 21.11
N GLU A 129 -18.35 8.63 21.17
CA GLU A 129 -17.16 9.11 21.85
C GLU A 129 -16.22 9.79 20.87
N THR A 130 -15.36 10.65 21.40
CA THR A 130 -14.30 11.26 20.63
C THR A 130 -13.03 11.27 21.45
N GLY A 131 -11.89 11.16 20.76
CA GLY A 131 -10.60 11.20 21.41
C GLY A 131 -9.63 12.05 20.60
N ARG A 132 -8.47 12.31 21.19
CA ARG A 132 -7.44 13.14 20.57
C ARG A 132 -6.22 12.28 20.32
N LEU A 133 -5.90 12.06 19.05
CA LEU A 133 -4.73 11.31 18.63
C LEU A 133 -3.69 12.30 18.14
N ARG A 134 -2.52 12.30 18.78
CA ARG A 134 -1.42 13.19 18.43
C ARG A 134 -0.28 12.38 17.83
N LEU A 135 0.21 12.80 16.66
CA LEU A 135 1.29 12.11 15.99
C LEU A 135 2.39 13.11 15.65
N ILE A 136 3.62 12.79 16.03
CA ILE A 136 4.80 13.56 15.67
C ILE A 136 5.53 12.82 14.57
N TYR A 137 5.91 13.54 13.51
CA TYR A 137 6.48 12.89 12.34
C TYR A 137 7.34 13.88 11.58
N ALA A 138 8.26 13.32 10.79
CA ALA A 138 9.17 14.13 9.99
C ALA A 138 9.72 13.24 8.87
N GLY A 139 10.06 13.86 7.76
CA GLY A 139 10.62 13.10 6.66
C GLY A 139 10.21 13.69 5.32
N THR A 140 10.16 12.82 4.31
CA THR A 140 9.93 13.23 2.94
C THR A 140 8.64 12.62 2.40
N PRO A 141 7.67 13.45 2.01
CA PRO A 141 6.45 12.91 1.41
C PRO A 141 6.72 12.26 0.06
N GLU A 142 6.01 11.17 -0.20
CA GLU A 142 6.08 10.48 -1.48
C GLU A 142 4.84 10.75 -2.31
N LEU A 143 5.03 10.96 -3.61
CA LEU A 143 3.93 11.08 -4.55
C LEU A 143 3.35 9.71 -4.87
N SER A 144 2.02 9.63 -4.89
CA SER A 144 1.37 8.37 -5.25
C SER A 144 1.32 8.21 -6.75
N GLY A 145 1.28 6.96 -7.19
CA GLY A 145 1.51 6.61 -8.58
C GLY A 145 0.33 6.80 -9.52
N ASP A 146 0.12 5.78 -10.36
CA ASP A 146 -0.89 5.61 -11.39
C ASP A 146 -0.56 6.40 -12.65
N PRO A 147 0.54 6.05 -13.35
CA PRO A 147 0.93 6.64 -14.64
C PRO A 147 0.54 5.77 -15.84
N LEU A 149 -3.83 8.06 -13.94
CA LEU A 149 -4.24 9.33 -13.38
C LEU A 149 -3.55 10.50 -14.09
N PRO A 150 -4.27 11.62 -14.25
CA PRO A 150 -3.67 12.78 -14.93
C PRO A 150 -2.50 13.39 -14.19
N ILE A 151 -2.42 13.22 -12.87
CA ILE A 151 -1.31 13.73 -12.08
C ILE A 151 -0.97 12.70 -11.00
N ARG A 152 0.30 12.67 -10.62
CA ARG A 152 0.75 11.94 -9.43
C ARG A 152 0.47 12.81 -8.21
N PRO A 153 -0.58 12.52 -7.45
CA PRO A 153 -0.98 13.42 -6.37
C PRO A 153 -0.05 13.37 -5.18
N GLY A 154 0.02 14.49 -4.47
CA GLY A 154 0.77 14.60 -3.23
C GLY A 154 1.46 15.94 -3.09
N TRP A 155 2.40 15.99 -2.15
CA TRP A 155 3.17 17.20 -1.87
C TRP A 155 4.07 17.52 -3.05
N GLN A 156 3.81 18.65 -3.71
CA GLN A 156 4.57 19.05 -4.89
C GLN A 156 5.67 20.02 -4.50
N ASN A 157 6.78 19.95 -5.23
CA ASN A 157 7.92 20.82 -5.00
C ASN A 157 8.52 21.20 -6.35
N GLU A 158 8.61 22.50 -6.60
CA GLU A 158 9.18 23.01 -7.85
C GLU A 158 9.30 24.53 -7.80
N ALA A 159 10.46 25.05 -8.19
CA ALA A 159 10.70 26.49 -8.34
C ALA A 159 10.41 27.23 -7.04
N GLY A 160 11.08 26.83 -5.97
CA GLY A 160 10.96 27.48 -4.68
C GLY A 160 9.61 27.39 -4.02
N LEU A 161 8.71 26.58 -4.55
CA LEU A 161 7.36 26.42 -4.02
C LEU A 161 7.15 24.97 -3.61
N SER A 162 6.55 24.78 -2.45
CA SER A 162 6.07 23.48 -1.99
C SER A 162 4.57 23.60 -1.75
N TYR A 163 3.79 22.71 -2.35
CA TYR A 163 2.34 22.85 -2.28
C TYR A 163 1.67 21.49 -2.44
N SER A 164 0.43 21.43 -1.96
CA SER A 164 -0.37 20.22 -2.04
C SER A 164 -1.24 20.22 -3.30
N LEU A 165 -1.12 19.16 -4.09
CA LEU A 165 -2.00 18.85 -5.22
C LEU A 165 -2.29 17.36 -5.09
N SER A 166 -3.29 17.03 -4.27
CA SER A 166 -3.36 15.71 -3.68
C SER A 166 -4.59 14.91 -4.09
N GLU A 167 -5.37 15.36 -5.07
CA GLU A 167 -6.47 14.52 -5.49
C GLU A 167 -5.95 13.38 -6.36
N PRO A 168 -6.35 12.13 -6.11
CA PRO A 168 -7.30 11.72 -5.07
C PRO A 168 -6.68 11.39 -3.70
N HIS A 169 -5.47 10.82 -3.68
CA HIS A 169 -4.94 10.22 -2.45
C HIS A 169 -3.48 10.63 -2.21
N GLY A 170 -3.22 11.94 -2.25
CA GLY A 170 -1.86 12.40 -2.06
C GLY A 170 -1.59 13.05 -0.72
N THR A 171 -2.66 13.39 0.02
CA THR A 171 -2.48 14.08 1.29
C THR A 171 -1.75 13.22 2.31
N ARG A 172 -1.92 11.89 2.24
CA ARG A 172 -1.19 11.00 3.13
C ARG A 172 0.32 11.19 3.04
N GLY A 173 0.80 11.85 1.98
CA GLY A 173 2.23 12.08 1.85
C GLY A 173 2.78 13.01 2.92
N PHE A 174 2.01 14.03 3.30
CA PHE A 174 2.49 15.00 4.27
C PHE A 174 1.62 15.11 5.51
N LEU A 175 0.58 14.28 5.64
CA LEU A 175 -0.34 14.40 6.76
C LEU A 175 -0.95 13.04 7.07
N PRO A 176 -0.65 12.47 8.24
CA PRO A 176 -1.34 11.23 8.65
C PRO A 176 -2.83 11.48 8.78
N CYS A 177 -3.60 10.77 7.95
CA CYS A 177 -5.00 11.12 7.73
C CYS A 177 -5.77 9.89 7.28
N ASN A 178 -7.09 9.94 7.50
CA ASN A 178 -8.06 9.06 6.86
C ASN A 178 -8.29 9.58 5.45
N ASP A 179 -7.53 9.04 4.49
CA ASP A 179 -7.39 9.65 3.17
C ASP A 179 -8.42 9.10 2.19
N HIS A 180 -9.68 9.50 2.42
CA HIS A 180 -10.81 9.09 1.59
C HIS A 180 -11.87 10.18 1.70
N PRO A 181 -12.50 10.54 0.58
CA PRO A 181 -13.46 11.66 0.62
C PRO A 181 -14.71 11.38 1.44
N SER A 182 -15.01 10.12 1.73
CA SER A 182 -16.14 9.78 2.60
C SER A 182 -16.02 10.39 3.99
N ASP A 183 -14.84 10.86 4.38
CA ASP A 183 -14.58 11.32 5.75
C ASP A 183 -14.02 12.73 5.75
N PRO A 184 -14.82 13.72 5.34
CA PRO A 184 -14.35 15.11 5.42
C PRO A 184 -14.15 15.53 6.87
N ALA A 185 -13.41 16.63 7.05
CA ALA A 185 -13.10 17.11 8.39
C ALA A 185 -12.73 18.58 8.31
N THR A 186 -12.70 19.22 9.47
CA THR A 186 -12.20 20.59 9.60
C THR A 186 -10.70 20.57 9.86
N PHE A 187 -10.04 21.68 9.54
CA PHE A 187 -8.59 21.77 9.64
C PHE A 187 -8.18 23.08 10.30
N THR A 188 -7.18 22.99 11.17
CA THR A 188 -6.45 24.13 11.69
C THR A 188 -4.98 23.91 11.37
N VAL A 189 -4.39 24.78 10.54
CA VAL A 189 -3.04 24.56 10.03
C VAL A 189 -2.12 25.66 10.54
N ARG A 190 -1.07 25.26 11.25
CA ARG A 190 0.03 26.12 11.65
C ARG A 190 1.22 25.80 10.76
N VAL A 191 1.61 26.74 9.90
CA VAL A 191 2.71 26.51 8.97
C VAL A 191 3.88 27.38 9.41
N THR A 192 5.03 26.75 9.64
CA THR A 192 6.24 27.45 10.04
C THR A 192 7.25 27.39 8.91
N VAL A 193 7.63 28.54 8.39
CA VAL A 193 8.54 28.64 7.25
C VAL A 193 9.57 29.74 7.54
N PRO A 194 10.65 29.77 6.77
CA PRO A 194 11.62 30.86 6.94
C PRO A 194 10.96 32.22 6.75
N ALA A 195 11.51 33.23 7.45
CA ALA A 195 10.97 34.58 7.37
C ALA A 195 11.02 35.15 5.95
N SER A 196 11.92 34.65 5.11
CA SER A 196 11.99 35.11 3.73
C SER A 196 10.80 34.65 2.90
N ALA A 197 10.12 33.59 3.33
CA ALA A 197 8.99 33.02 2.59
C ALA A 197 7.68 33.34 3.31
N SER A 198 6.59 32.83 2.74
CA SER A 198 5.27 32.95 3.35
C SER A 198 4.53 31.63 3.13
N ALA A 199 3.26 31.59 3.51
CA ALA A 199 2.49 30.37 3.40
C ALA A 199 1.01 30.69 3.31
N ALA A 200 0.25 29.75 2.76
CA ALA A 200 -1.20 29.90 2.64
C ALA A 200 -1.85 28.52 2.67
N ALA A 201 -2.84 28.37 3.55
CA ALA A 201 -3.62 27.15 3.63
C ALA A 201 -5.10 27.49 3.61
N SER A 202 -5.92 26.49 3.30
CA SER A 202 -7.35 26.70 3.31
C SER A 202 -7.81 27.15 4.70
N GLY A 203 -8.79 28.03 4.72
CA GLY A 203 -9.31 28.57 5.96
C GLY A 203 -8.89 30.01 6.17
N LEU A 204 -9.59 30.67 7.10
CA LEU A 204 -9.35 32.08 7.37
C LEU A 204 -7.98 32.28 8.00
N PHE A 205 -7.24 33.26 7.47
CA PHE A 205 -5.96 33.64 8.05
C PHE A 205 -6.19 34.35 9.38
N THR A 206 -5.59 33.82 10.46
CA THR A 206 -5.78 34.37 11.79
C THR A 206 -4.56 35.18 12.23
N THR A 207 -3.46 34.53 12.61
CA THR A 207 -2.31 35.22 13.20
C THR A 207 -1.02 34.79 12.52
N GLN A 208 -0.01 35.64 12.64
CA GLN A 208 1.35 35.35 12.18
C GLN A 208 2.33 35.80 13.26
N THR A 209 3.26 34.92 13.64
CA THR A 209 4.29 35.23 14.62
C THR A 209 5.65 34.87 14.06
N GLU A 210 6.68 35.56 14.54
CA GLU A 210 8.05 35.35 14.09
C GLU A 210 8.96 35.06 15.27
N ARG A 211 9.91 34.16 15.08
CA ARG A 211 10.85 33.78 16.13
C ARG A 211 12.08 33.14 15.50
N ASN A 212 13.24 33.75 15.73
CA ASN A 212 14.55 33.19 15.32
C ASN A 212 14.59 32.92 13.82
N GLY A 213 14.13 33.88 13.03
CA GLY A 213 14.18 33.76 11.60
C GLY A 213 13.13 32.86 10.98
N LEU A 214 12.11 32.49 11.74
CA LEU A 214 11.03 31.64 11.23
C LEU A 214 9.70 32.33 11.49
N LYS A 215 8.77 32.19 10.56
CA LYS A 215 7.42 32.71 10.71
C LYS A 215 6.42 31.57 10.77
N THR A 216 5.40 31.72 11.62
CA THR A 216 4.34 30.72 11.76
C THR A 216 3.00 31.37 11.44
N LEU A 217 2.32 30.84 10.43
CA LEU A 217 1.02 31.33 10.02
C LEU A 217 -0.06 30.30 10.37
N THR A 218 -1.19 30.78 10.86
CA THR A 218 -2.29 29.94 11.32
C THR A 218 -3.52 30.20 10.47
N PHE A 219 -4.13 29.12 9.97
CA PHE A 219 -5.36 29.18 9.18
C PHE A 219 -6.38 28.22 9.77
N THR A 220 -7.66 28.60 9.68
CA THR A 220 -8.75 27.83 10.28
C THR A 220 -9.79 27.50 9.22
N GLN A 221 -9.77 26.26 8.72
CA GLN A 221 -10.82 25.76 7.84
C GLN A 221 -11.94 25.23 8.73
N ARG A 222 -13.07 25.93 8.74
CA ARG A 222 -14.11 25.70 9.72
C ARG A 222 -15.35 25.02 9.16
N VAL A 223 -15.31 24.58 7.90
CA VAL A 223 -16.35 23.71 7.36
C VAL A 223 -15.67 22.44 6.86
N PRO A 224 -16.23 21.26 7.09
CA PRO A 224 -15.52 20.02 6.78
C PRO A 224 -15.38 19.82 5.28
N VAL A 225 -14.17 19.47 4.86
CA VAL A 225 -13.87 19.13 3.46
C VAL A 225 -12.97 17.90 3.43
N PRO A 226 -12.91 17.20 2.29
CA PRO A 226 -12.04 16.04 2.20
C PRO A 226 -10.57 16.41 2.33
N THR A 227 -9.75 15.39 2.59
CA THR A 227 -8.32 15.60 2.82
C THR A 227 -7.66 16.24 1.61
N TYR A 228 -8.03 15.80 0.40
CA TYR A 228 -7.41 16.34 -0.81
C TYR A 228 -7.82 17.80 -1.06
N ALA A 229 -8.86 18.28 -0.40
CA ALA A 229 -9.28 19.67 -0.54
C ALA A 229 -8.57 20.59 0.44
N LEU A 230 -7.65 20.08 1.25
CA LEU A 230 -6.84 20.90 2.11
C LEU A 230 -5.76 21.59 1.27
N GLY A 231 -5.92 22.88 1.05
CA GLY A 231 -4.90 23.64 0.34
C GLY A 231 -3.75 23.99 1.28
N LEU A 232 -2.54 23.96 0.73
CA LEU A 232 -1.35 24.28 1.50
C LEU A 232 -0.24 24.64 0.53
N ILE A 233 0.22 25.88 0.57
CA ILE A 233 1.26 26.38 -0.32
C ILE A 233 2.23 27.21 0.51
N VAL A 234 3.53 26.97 0.33
CA VAL A 234 4.56 27.73 1.03
C VAL A 234 5.60 28.18 0.01
N GLY A 235 6.15 29.37 0.21
CA GLY A 235 7.10 29.94 -0.72
C GLY A 235 6.91 31.44 -0.85
N PRO A 236 7.38 32.02 -1.96
CA PRO A 236 7.20 33.46 -2.16
C PRO A 236 5.77 33.80 -2.60
N LEU A 237 4.92 34.13 -1.63
CA LEU A 237 3.50 34.34 -1.88
C LEU A 237 3.08 35.69 -1.32
N GLU A 238 2.21 36.38 -2.07
CA GLU A 238 1.62 37.65 -1.64
C GLU A 238 0.11 37.48 -1.52
N ARG A 239 -0.43 37.81 -0.35
CA ARG A 239 -1.86 37.78 -0.14
C ARG A 239 -2.50 39.07 -0.61
N ARG A 240 -3.61 38.96 -1.34
CA ARG A 240 -4.31 40.12 -1.89
C ARG A 240 -5.80 40.02 -1.57
N THR A 241 -6.28 40.92 -0.73
CA THR A 241 -7.68 40.96 -0.34
C THR A 241 -8.52 41.68 -1.39
N ALA A 242 -9.81 41.36 -1.40
CA ALA A 242 -10.77 41.98 -2.30
C ALA A 242 -12.02 42.36 -1.50
N PRO A 243 -12.92 43.17 -2.06
CA PRO A 243 -14.12 43.56 -1.29
C PRO A 243 -14.95 42.34 -0.91
N ASP A 244 -15.50 42.37 0.30
CA ASP A 244 -16.37 41.31 0.76
C ASP A 244 -17.58 41.17 -0.17
N VAL A 245 -18.01 39.93 -0.37
CA VAL A 245 -19.20 39.62 -1.15
C VAL A 245 -20.33 39.28 -0.19
N GLN A 246 -21.53 39.74 -0.51
CA GLN A 246 -22.70 39.53 0.35
C GLN A 246 -23.76 38.77 -0.45
N LEU A 247 -24.07 37.56 0.00
CA LEU A 247 -25.04 36.66 -0.65
C LEU A 247 -26.25 36.63 0.28
N GLY A 248 -27.17 37.57 0.09
CA GLY A 248 -28.28 37.68 1.01
C GLY A 248 -27.80 38.10 2.39
N THR A 249 -27.91 37.21 3.37
CA THR A 249 -27.39 37.50 4.71
C THR A 249 -26.04 36.87 4.99
N GLN A 250 -25.59 35.96 4.13
CA GLN A 250 -24.25 35.40 4.25
C GLN A 250 -23.22 36.33 3.63
N THR A 251 -22.09 36.49 4.31
CA THR A 251 -20.96 37.26 3.81
C THR A 251 -19.81 36.32 3.45
N VAL A 252 -19.19 36.55 2.30
CA VAL A 252 -18.11 35.70 1.80
C VAL A 252 -16.87 36.57 1.63
N HIS A 253 -15.89 36.38 2.50
CA HIS A 253 -14.64 37.10 2.39
C HIS A 253 -13.94 36.76 1.08
N ARG A 254 -13.08 37.68 0.63
CA ARG A 254 -12.40 37.53 -0.65
C ARG A 254 -10.90 37.76 -0.46
N ARG A 255 -10.09 36.87 -1.02
CA ARG A 255 -8.66 37.03 -1.08
C ARG A 255 -8.09 36.02 -2.06
N ASP A 256 -7.06 36.44 -2.80
CA ASP A 256 -6.33 35.58 -3.72
C ASP A 256 -4.86 35.56 -3.33
N ILE A 257 -4.18 34.48 -3.74
CA ILE A 257 -2.75 34.33 -3.51
C ILE A 257 -2.03 34.52 -4.83
N TYR A 258 -0.98 35.34 -4.83
CA TYR A 258 -0.17 35.62 -6.01
C TYR A 258 1.25 35.15 -5.75
N ALA A 259 1.64 34.05 -6.38
CA ALA A 259 3.02 33.59 -6.32
C ALA A 259 3.88 34.42 -7.26
N ALA A 260 5.19 34.36 -7.05
CA ALA A 260 6.14 35.11 -7.86
C ALA A 260 6.36 34.44 -9.21
N GLY A 261 6.70 35.25 -10.21
CA GLY A 261 7.05 34.71 -11.52
C GLY A 261 5.90 34.25 -12.37
N LEU A 262 4.73 34.85 -12.23
CA LEU A 262 3.58 34.45 -13.02
C LEU A 262 3.73 34.94 -14.46
N PRO A 263 3.26 34.17 -15.43
CA PRO A 263 3.29 34.63 -16.83
C PRO A 263 2.44 35.88 -17.02
N ALA A 264 2.74 36.60 -18.10
CA ALA A 264 1.94 37.75 -18.47
C ALA A 264 0.49 37.33 -18.69
N GLY A 265 -0.43 38.16 -18.20
CA GLY A 265 -1.85 37.89 -18.37
C GLY A 265 -2.45 36.92 -17.39
N THR A 266 -1.71 36.54 -16.35
CA THR A 266 -2.25 35.65 -15.31
C THR A 266 -2.98 36.54 -14.30
N THR A 267 -4.25 36.80 -14.56
CA THR A 267 -5.03 37.74 -13.78
C THR A 267 -6.37 37.14 -13.42
N VAL A 268 -6.98 37.71 -12.38
CA VAL A 268 -8.36 37.45 -12.00
C VAL A 268 -9.14 38.75 -12.21
N PRO A 269 -10.03 38.82 -13.19
CA PRO A 269 -10.72 40.09 -13.47
C PRO A 269 -11.46 40.61 -12.25
N GLU A 270 -11.47 41.94 -12.12
CA GLU A 270 -12.11 42.57 -10.97
C GLU A 270 -13.60 42.27 -10.97
N GLY A 271 -14.12 41.89 -9.80
CA GLY A 271 -15.53 41.64 -9.63
C GLY A 271 -16.05 40.36 -10.24
N GLU A 272 -15.21 39.60 -10.95
CA GLU A 272 -15.67 38.35 -11.56
C GLU A 272 -16.07 37.34 -10.50
N THR A 273 -15.22 37.14 -9.48
CA THR A 273 -15.50 36.13 -8.46
C THR A 273 -16.79 36.44 -7.72
N ALA A 274 -17.08 37.72 -7.49
CA ALA A 274 -18.33 38.10 -6.84
C ALA A 274 -19.54 37.71 -7.68
N ARG A 275 -19.44 37.89 -9.01
CA ARG A 275 -20.56 37.54 -9.89
C ARG A 275 -20.75 36.03 -9.96
N MET A 276 -19.64 35.28 -10.04
CA MET A 276 -19.73 33.82 -10.05
C MET A 276 -20.38 33.30 -8.78
N LEU A 277 -19.96 33.82 -7.63
CA LEU A 277 -20.56 33.42 -6.36
C LEU A 277 -22.05 33.72 -6.33
N ARG A 278 -22.45 34.86 -6.89
CA ARG A 278 -23.87 35.21 -6.93
C ARG A 278 -24.66 34.23 -7.79
N VAL A 279 -24.17 33.97 -9.01
CA VAL A 279 -24.90 33.11 -9.94
C VAL A 279 -24.93 31.67 -9.44
N LEU A 280 -23.82 31.19 -8.89
CA LEU A 280 -23.75 29.80 -8.46
C LEU A 280 -24.57 29.56 -7.20
N SER A 281 -24.40 30.40 -6.18
CA SER A 281 -25.15 30.22 -4.94
C SER A 281 -26.65 30.36 -5.16
N ASP A 282 -27.07 31.11 -6.17
CA ASP A 282 -28.49 31.18 -6.49
C ASP A 282 -28.99 29.87 -7.09
N TRP A 283 -28.10 29.09 -7.70
CA TRP A 283 -28.43 27.81 -8.28
C TRP A 283 -28.33 26.67 -7.28
N PHE A 284 -27.32 26.69 -6.41
CA PHE A 284 -27.02 25.56 -5.55
C PHE A 284 -27.35 25.80 -4.08
N GLY A 285 -27.53 27.05 -3.66
CA GLY A 285 -27.75 27.37 -2.28
C GLY A 285 -26.55 28.12 -1.73
N PRO A 286 -26.55 28.39 -0.42
CA PRO A 286 -25.50 29.21 0.18
C PRO A 286 -24.10 28.69 -0.12
N TYR A 287 -23.15 29.62 -0.20
CA TYR A 287 -21.76 29.24 -0.37
C TYR A 287 -21.26 28.56 0.90
N PRO A 288 -20.78 27.32 0.84
CA PRO A 288 -20.54 26.56 2.08
C PRO A 288 -19.44 27.11 2.97
N ASP A 289 -18.52 27.92 2.44
CA ASP A 289 -17.37 28.36 3.21
C ASP A 289 -17.52 29.83 3.62
N GLU A 290 -16.48 30.36 4.25
CA GLU A 290 -16.45 31.75 4.72
C GLU A 290 -15.66 32.67 3.81
N VAL A 291 -14.87 32.13 2.89
CA VAL A 291 -14.00 32.93 2.03
C VAL A 291 -13.77 32.15 0.75
N TYR A 292 -13.38 32.86 -0.31
CA TYR A 292 -13.01 32.18 -1.55
C TYR A 292 -12.00 33.02 -2.32
N GLY A 293 -11.12 32.32 -3.02
CA GLY A 293 -10.17 32.96 -3.91
C GLY A 293 -9.38 31.89 -4.62
N VAL A 294 -8.36 32.31 -5.36
CA VAL A 294 -7.47 31.38 -6.05
C VAL A 294 -6.04 31.66 -5.64
N ALA A 295 -5.21 30.63 -5.72
CA ALA A 295 -3.77 30.72 -5.47
C ALA A 295 -3.08 30.52 -6.82
N LEU A 296 -2.67 31.60 -7.45
CA LEU A 296 -2.10 31.56 -8.78
C LEU A 296 -0.63 31.18 -8.71
N LEU A 297 -0.28 30.00 -9.25
CA LEU A 297 1.07 29.45 -9.18
C LEU A 297 1.72 29.42 -10.55
N PRO A 298 3.02 29.76 -10.64
CA PRO A 298 3.70 29.77 -11.93
C PRO A 298 4.09 28.39 -12.44
N VAL A 299 3.40 27.36 -11.97
CA VAL A 299 3.70 25.99 -12.35
C VAL A 299 2.72 25.56 -13.42
N ARG A 300 3.06 24.49 -14.13
CA ARG A 300 2.17 23.91 -15.14
C ARG A 300 1.51 22.67 -14.55
N GLN A 301 0.21 22.78 -14.28
CA GLN A 301 -0.57 21.71 -13.69
C GLN A 301 -2.04 22.06 -13.88
N LEU A 302 -2.90 21.10 -13.58
CA LEU A 302 -4.33 21.36 -13.59
C LEU A 302 -4.75 21.97 -12.25
N ALA A 303 -5.81 22.76 -12.30
CA ALA A 303 -6.32 23.38 -11.08
C ALA A 303 -6.95 22.32 -10.18
N LEU A 304 -7.03 22.64 -8.88
CA LEU A 304 -7.66 21.78 -7.90
C LEU A 304 -8.45 22.62 -6.92
N GLU A 305 -9.68 22.17 -6.63
CA GLU A 305 -10.63 22.93 -5.81
C GLU A 305 -10.32 22.89 -4.32
N THR A 306 -9.08 23.14 -3.93
CA THR A 306 -8.76 23.19 -2.51
C THR A 306 -9.65 24.22 -1.82
N ALA A 307 -10.06 23.90 -0.59
CA ALA A 307 -11.21 24.55 0.03
C ALA A 307 -11.00 26.05 0.21
N GLY A 308 -11.98 26.82 -0.26
CA GLY A 308 -11.97 28.27 -0.10
C GLY A 308 -10.77 28.97 -0.70
N LEU A 309 -9.92 28.23 -1.40
CA LEU A 309 -8.69 28.77 -1.96
C LEU A 309 -8.22 27.79 -3.04
N THR A 310 -8.75 27.97 -4.25
CA THR A 310 -8.43 27.05 -5.33
C THR A 310 -6.95 27.16 -5.69
N THR A 311 -6.26 26.01 -5.71
CA THR A 311 -4.89 25.95 -6.15
C THR A 311 -4.90 26.02 -7.68
N MET A 312 -4.42 27.13 -8.24
CA MET A 312 -4.62 27.46 -9.65
C MET A 312 -3.29 27.72 -10.34
N PRO A 313 -2.71 26.71 -10.98
CA PRO A 313 -1.54 26.96 -11.83
C PRO A 313 -1.93 27.87 -12.98
N ALA A 314 -0.96 28.70 -13.39
CA ALA A 314 -1.24 29.74 -14.38
C ALA A 314 -1.72 29.14 -15.69
N THR A 315 -1.20 27.97 -16.07
CA THR A 315 -1.59 27.35 -17.33
C THR A 315 -3.02 26.85 -17.34
N SER A 316 -3.69 26.81 -16.19
CA SER A 316 -5.10 26.44 -16.14
C SER A 316 -6.01 27.61 -15.79
N ASN A 317 -5.46 28.82 -15.63
CA ASN A 317 -6.28 29.97 -15.26
C ASN A 317 -7.12 30.45 -16.44
N ARG A 318 -8.35 29.92 -16.53
CA ARG A 318 -9.32 30.33 -17.53
C ARG A 318 -10.65 30.54 -16.83
N GLU A 319 -11.53 31.34 -17.46
CA GLU A 319 -12.82 31.65 -16.86
C GLU A 319 -13.60 30.38 -16.51
N ARG A 320 -13.75 29.49 -17.49
CA ARG A 320 -14.49 28.24 -17.26
C ARG A 320 -13.86 27.43 -16.13
N VAL A 321 -12.53 27.39 -16.06
CA VAL A 321 -11.87 26.63 -15.01
C VAL A 321 -12.05 27.32 -13.66
N ARG A 322 -11.98 28.65 -13.64
CA ARG A 322 -12.20 29.37 -12.40
C ARG A 322 -13.62 29.18 -11.90
N LEU A 323 -14.59 29.08 -12.83
CA LEU A 323 -15.96 28.77 -12.45
C LEU A 323 -16.09 27.31 -12.02
N HIS A 324 -15.46 26.41 -12.79
CA HIS A 324 -15.49 24.98 -12.46
C HIS A 324 -14.97 24.73 -11.05
N ALA A 325 -13.80 25.29 -10.72
CA ALA A 325 -13.21 25.09 -9.40
C ALA A 325 -14.09 25.65 -8.30
N LEU A 326 -14.74 26.79 -8.55
CA LEU A 326 -15.66 27.36 -7.55
C LEU A 326 -16.89 26.48 -7.36
N ALA A 327 -17.45 25.97 -8.46
CA ALA A 327 -18.59 25.08 -8.36
C ALA A 327 -18.28 23.85 -7.50
N HIS A 328 -17.03 23.40 -7.52
CA HIS A 328 -16.62 22.25 -6.73
C HIS A 328 -16.71 22.49 -5.23
N GLN A 329 -16.68 23.75 -4.79
CA GLN A 329 -16.83 24.04 -3.37
C GLN A 329 -18.13 23.47 -2.83
N TRP A 330 -19.18 23.44 -3.66
CA TRP A 330 -20.38 22.69 -3.32
C TRP A 330 -20.18 21.20 -3.61
N PHE A 331 -19.85 20.88 -4.85
CA PHE A 331 -19.85 19.51 -5.35
C PHE A 331 -18.42 18.98 -5.31
N GLY A 332 -18.09 18.27 -4.22
CA GLY A 332 -16.75 17.78 -4.01
C GLY A 332 -16.21 18.11 -2.62
N ASP A 333 -16.32 19.38 -2.22
CA ASP A 333 -15.81 19.79 -0.91
C ASP A 333 -16.90 19.71 0.15
N GLN A 334 -18.09 20.27 -0.12
CA GLN A 334 -19.19 20.14 0.82
C GLN A 334 -19.90 18.81 0.65
N VAL A 335 -20.33 18.51 -0.58
CA VAL A 335 -20.91 17.21 -0.92
C VAL A 335 -19.76 16.33 -1.41
N THR A 336 -19.36 15.36 -0.58
CA THR A 336 -18.20 14.54 -0.87
C THR A 336 -18.63 13.14 -1.34
N LEU A 337 -17.68 12.44 -1.96
CA LEU A 337 -17.96 11.14 -2.56
C LEU A 337 -17.86 10.02 -1.53
N ALA A 338 -18.82 9.11 -1.57
CA ALA A 338 -18.72 7.90 -0.76
C ALA A 338 -17.73 6.91 -1.38
N ASP A 339 -17.55 6.97 -2.70
CA ASP A 339 -16.65 6.08 -3.42
C ASP A 339 -16.04 6.83 -4.58
N TRP A 340 -14.75 6.61 -4.82
CA TRP A 340 -14.08 7.28 -5.93
C TRP A 340 -14.67 6.89 -7.28
N ALA A 341 -15.43 5.80 -7.35
CA ALA A 341 -16.09 5.41 -8.59
C ALA A 341 -17.11 6.44 -9.05
N ASP A 342 -17.63 7.26 -8.14
CA ASP A 342 -18.70 8.21 -8.42
C ASP A 342 -18.17 9.62 -8.67
N THR A 343 -16.98 9.74 -9.27
CA THR A 343 -16.37 11.05 -9.48
C THR A 343 -17.25 11.94 -10.35
N TRP A 344 -18.10 11.36 -11.19
CA TRP A 344 -18.99 12.17 -12.03
C TRP A 344 -19.94 13.02 -11.20
N LEU A 345 -20.20 12.65 -9.94
CA LEU A 345 -21.01 13.49 -9.07
C LEU A 345 -20.30 14.80 -8.74
N SER A 346 -18.96 14.80 -8.77
CA SER A 346 -18.20 16.03 -8.58
C SER A 346 -17.85 16.68 -9.91
N GLU A 347 -17.30 15.90 -10.85
CA GLU A 347 -16.84 16.47 -12.12
C GLU A 347 -17.99 16.80 -13.05
N GLY A 348 -19.03 15.96 -13.08
CA GLY A 348 -20.17 16.23 -13.93
C GLY A 348 -20.97 17.43 -13.46
N PHE A 349 -21.15 17.56 -12.14
CA PHE A 349 -21.87 18.70 -11.59
C PHE A 349 -21.10 20.00 -11.79
N ALA A 350 -19.80 19.99 -11.50
CA ALA A 350 -18.99 21.20 -11.67
C ALA A 350 -18.90 21.60 -13.14
N THR A 351 -18.86 20.62 -14.05
CA THR A 351 -18.84 20.95 -15.47
C THR A 351 -20.15 21.55 -15.91
N TYR A 352 -21.28 21.04 -15.41
CA TYR A 352 -22.57 21.60 -15.80
C TYR A 352 -22.75 23.01 -15.24
N ALA A 353 -22.08 23.33 -14.14
CA ALA A 353 -22.10 24.70 -13.64
C ALA A 353 -21.52 25.67 -14.65
N GLU A 354 -20.58 25.21 -15.48
CA GLU A 354 -20.02 26.08 -16.52
C GLU A 354 -21.10 26.47 -17.53
N LEU A 355 -22.01 25.54 -17.83
CA LEU A 355 -23.14 25.86 -18.70
C LEU A 355 -24.10 26.81 -17.99
N LEU A 356 -24.37 26.57 -16.70
CA LEU A 356 -25.23 27.48 -15.95
C LEU A 356 -24.64 28.89 -15.92
N TRP A 357 -23.33 29.01 -15.70
CA TRP A 357 -22.68 30.31 -15.73
C TRP A 357 -22.75 30.94 -17.12
N ALA A 358 -22.53 30.12 -18.16
CA ALA A 358 -22.60 30.63 -19.53
C ALA A 358 -23.98 31.21 -19.83
N GLU A 359 -25.04 30.53 -19.39
CA GLU A 359 -26.39 31.04 -19.60
C GLU A 359 -26.60 32.35 -18.86
N SER A 360 -26.18 32.40 -17.59
CA SER A 360 -26.27 33.63 -16.82
C SER A 360 -25.64 34.82 -17.53
N GLN A 361 -24.54 34.57 -18.26
CA GLN A 361 -23.85 35.62 -18.98
C GLN A 361 -24.39 35.83 -20.39
N GLY A 362 -25.58 35.30 -20.69
CA GLY A 362 -26.25 35.57 -21.94
C GLY A 362 -25.98 34.60 -23.07
N GLU A 363 -25.27 33.50 -22.81
CA GLU A 363 -24.96 32.54 -23.86
C GLU A 363 -26.06 31.50 -24.00
N ASP A 364 -26.00 30.75 -25.10
CA ASP A 364 -26.99 29.73 -25.44
C ASP A 364 -26.57 28.42 -24.78
N GLY A 365 -27.27 28.03 -23.71
CA GLY A 365 -26.90 26.83 -22.98
C GLY A 365 -27.09 25.56 -23.79
N GLN A 366 -28.20 25.46 -24.53
CA GLN A 366 -28.42 24.29 -25.37
C GLN A 366 -27.30 24.14 -26.40
N ALA A 367 -26.81 25.26 -26.94
CA ALA A 367 -25.69 25.19 -27.88
C ALA A 367 -24.45 24.63 -27.23
N MET A 368 -24.14 25.07 -26.00
CA MET A 368 -22.98 24.55 -25.29
C MET A 368 -23.12 23.05 -25.05
N ALA A 369 -24.30 22.61 -24.62
CA ALA A 369 -24.53 21.17 -24.43
C ALA A 369 -24.34 20.40 -25.74
N ALA A 370 -24.57 21.05 -26.88
CA ALA A 370 -24.38 20.37 -28.16
C ALA A 370 -22.91 20.16 -28.46
N ASP A 371 -22.05 21.09 -28.05
CA ASP A 371 -20.62 20.90 -28.26
C ASP A 371 -20.05 19.86 -27.31
N TRP A 372 -20.61 19.76 -26.11
CA TRP A 372 -20.27 18.65 -25.23
C TRP A 372 -20.61 17.32 -25.87
N TYR A 373 -21.82 17.19 -26.39
CA TYR A 373 -22.25 15.94 -27.02
C TYR A 373 -21.38 15.60 -28.22
N ALA A 374 -21.10 16.60 -29.07
CA ALA A 374 -20.29 16.36 -30.26
C ALA A 374 -18.91 15.83 -29.91
N ARG A 375 -18.28 16.38 -28.88
CA ARG A 375 -16.95 15.92 -28.49
C ARG A 375 -17.00 14.57 -27.79
N LEU A 376 -18.13 14.23 -27.16
CA LEU A 376 -18.28 12.90 -26.56
C LEU A 376 -18.63 11.85 -27.61
N SER A 377 -19.46 12.23 -28.60
CA SER A 377 -19.80 11.32 -29.69
C SER A 377 -18.59 10.58 -30.22
N VAL A 378 -17.47 11.30 -30.38
CA VAL A 378 -16.30 10.77 -31.06
C VAL A 378 -15.56 9.75 -30.19
N LEU A 379 -15.69 9.85 -28.86
CA LEU A 379 -14.95 9.01 -27.93
C LEU A 379 -15.83 7.92 -27.34
N PRO A 380 -15.23 6.90 -26.72
CA PRO A 380 -16.03 5.88 -26.05
C PRO A 380 -16.78 6.42 -24.85
N SER A 381 -17.84 5.70 -24.48
CA SER A 381 -18.65 6.04 -23.33
C SER A 381 -18.65 4.88 -22.34
N ARG A 382 -19.26 5.11 -21.18
CA ARG A 382 -19.28 4.13 -20.11
C ARG A 382 -20.42 4.49 -19.17
N PRO A 383 -20.88 3.54 -18.36
CA PRO A 383 -21.77 3.91 -17.25
C PRO A 383 -21.07 4.90 -16.34
N LEU A 384 -21.86 5.74 -15.68
CA LEU A 384 -21.26 6.83 -14.91
C LEU A 384 -20.57 6.35 -13.64
N ARG A 385 -20.89 5.15 -13.17
CA ARG A 385 -20.14 4.53 -12.08
C ARG A 385 -18.84 3.97 -12.65
N ALA A 386 -17.72 4.63 -12.37
CA ALA A 386 -16.43 4.15 -12.86
C ALA A 386 -16.10 2.79 -12.25
N THR A 387 -15.31 2.00 -12.98
CA THR A 387 -14.92 0.68 -12.50
C THR A 387 -13.42 0.54 -12.25
N ARG A 388 -12.59 1.39 -12.85
CA ARG A 388 -11.15 1.31 -12.67
C ARG A 388 -10.59 2.73 -12.58
N GLU A 389 -9.28 2.79 -12.35
CA GLU A 389 -8.64 4.06 -12.01
C GLU A 389 -8.70 5.04 -13.17
N GLU A 390 -8.34 4.60 -14.37
CA GLU A 390 -8.23 5.51 -15.51
C GLU A 390 -9.55 6.13 -15.91
N GLU A 391 -10.68 5.62 -15.42
CA GLU A 391 -11.99 6.13 -15.79
C GLU A 391 -12.45 7.30 -14.93
N ILE A 392 -11.96 7.41 -13.70
CA ILE A 392 -12.57 8.32 -12.74
C ILE A 392 -12.38 9.78 -13.13
N PHE A 393 -11.44 10.08 -14.03
CA PHE A 393 -11.26 11.43 -14.52
C PHE A 393 -11.22 11.46 -16.05
N ASP A 394 -11.99 10.60 -16.70
CA ASP A 394 -12.03 10.55 -18.15
C ASP A 394 -13.11 11.50 -18.69
N ALA A 395 -13.29 11.49 -20.01
CA ALA A 395 -14.21 12.41 -20.65
C ALA A 395 -15.66 12.19 -20.23
N SER A 396 -16.01 10.98 -19.79
CA SER A 396 -17.40 10.71 -19.46
C SER A 396 -17.74 11.14 -18.03
N ALA A 397 -16.75 11.17 -17.13
CA ALA A 397 -17.00 11.70 -15.79
C ALA A 397 -17.41 13.17 -15.84
N TYR A 398 -16.79 13.93 -16.74
CA TYR A 398 -17.08 15.36 -16.86
C TYR A 398 -18.34 15.59 -17.70
N PHE A 399 -18.32 15.16 -18.96
CA PHE A 399 -19.31 15.60 -19.94
C PHE A 399 -20.52 14.69 -20.00
N ARG A 400 -20.36 13.37 -19.85
CA ARG A 400 -21.55 12.53 -19.75
C ARG A 400 -22.27 12.78 -18.43
N GLY A 401 -21.54 13.14 -17.38
CA GLY A 401 -22.20 13.51 -16.13
C GLY A 401 -22.92 14.84 -16.24
N ALA A 402 -22.29 15.82 -16.89
CA ALA A 402 -22.96 17.09 -17.11
C ALA A 402 -24.19 16.92 -18.00
N LEU A 403 -24.06 16.16 -19.09
CA LEU A 403 -25.20 15.95 -19.97
C LEU A 403 -26.30 15.14 -19.29
N ALA A 404 -25.93 14.32 -18.30
CA ALA A 404 -26.95 13.65 -17.50
C ALA A 404 -27.82 14.65 -16.76
N LEU A 405 -27.20 15.70 -16.22
CA LEU A 405 -27.97 16.75 -15.54
C LEU A 405 -28.77 17.59 -16.53
N HIS A 406 -28.23 17.80 -17.73
CA HIS A 406 -28.99 18.51 -18.76
C HIS A 406 -30.28 17.76 -19.10
N ALA A 407 -30.18 16.44 -19.27
CA ALA A 407 -31.36 15.62 -19.55
C ALA A 407 -32.38 15.76 -18.43
N LEU A 408 -31.93 15.65 -17.18
CA LEU A 408 -32.83 15.82 -16.06
C LEU A 408 -33.46 17.20 -16.05
N ARG A 409 -32.65 18.24 -16.26
CA ARG A 409 -33.16 19.61 -16.26
C ARG A 409 -34.24 19.81 -17.32
N LEU A 410 -33.99 19.37 -18.56
CA LEU A 410 -34.99 19.52 -19.61
C LEU A 410 -36.23 18.68 -19.31
N LYS A 411 -36.05 17.56 -18.62
CA LYS A 411 -37.18 16.71 -18.23
C LYS A 411 -38.10 17.42 -17.25
N VAL A 412 -37.54 17.96 -16.16
CA VAL A 412 -38.37 18.45 -15.07
C VAL A 412 -38.67 19.94 -15.16
N GLY A 413 -37.88 20.70 -15.90
CA GLY A 413 -38.05 22.15 -15.94
C GLY A 413 -37.03 22.85 -15.07
N ASP A 414 -36.72 24.09 -15.43
CA ASP A 414 -35.66 24.84 -14.75
C ASP A 414 -36.02 25.11 -13.30
N ALA A 415 -37.29 25.37 -13.02
CA ALA A 415 -37.71 25.63 -11.64
C ALA A 415 -37.53 24.38 -10.78
N ALA A 416 -38.06 23.25 -11.23
CA ALA A 416 -37.88 22.01 -10.48
C ALA A 416 -36.41 21.61 -10.41
N PHE A 417 -35.68 21.78 -11.51
CA PHE A 417 -34.25 21.45 -11.50
C PHE A 417 -33.50 22.28 -10.48
N GLY A 418 -33.77 23.59 -10.44
CA GLY A 418 -33.08 24.46 -9.50
C GLY A 418 -33.37 24.09 -8.05
N GLN A 419 -34.64 23.83 -7.73
CA GLN A 419 -34.98 23.42 -6.37
C GLN A 419 -34.34 22.08 -6.03
N PHE A 420 -34.23 21.18 -7.02
CA PHE A 420 -33.58 19.90 -6.80
C PHE A 420 -32.12 20.09 -6.38
N LEU A 421 -31.37 20.89 -7.14
CA LEU A 421 -29.96 21.14 -6.80
C LEU A 421 -29.84 21.68 -5.38
N HIS A 422 -30.73 22.58 -4.98
CA HIS A 422 -30.76 23.06 -3.60
C HIS A 422 -30.96 21.91 -2.62
N SER A 423 -31.96 21.06 -2.88
CA SER A 423 -32.21 19.93 -2.00
C SER A 423 -31.08 18.91 -2.07
N TYR A 424 -30.48 18.73 -3.24
CA TYR A 424 -29.36 17.80 -3.37
C TYR A 424 -28.19 18.23 -2.50
N VAL A 425 -27.88 19.53 -2.51
CA VAL A 425 -26.79 20.04 -1.67
C VAL A 425 -27.12 19.82 -0.19
N LYS A 426 -28.36 20.12 0.21
CA LYS A 426 -28.73 20.00 1.61
C LYS A 426 -28.85 18.53 2.03
N THR A 427 -29.42 17.69 1.16
CA THR A 427 -29.54 16.27 1.49
C THR A 427 -28.18 15.64 1.75
N PHE A 428 -27.16 16.03 0.97
CA PHE A 428 -25.85 15.39 1.00
C PHE A 428 -24.78 16.30 1.61
N THR A 429 -25.18 17.22 2.49
CA THR A 429 -24.24 17.95 3.33
C THR A 429 -24.03 17.17 4.62
N GLY A 430 -22.78 16.85 4.93
CA GLY A 430 -22.51 16.00 6.08
C GLY A 430 -22.88 14.55 5.88
N ARG A 431 -23.02 14.10 4.63
CA ARG A 431 -23.34 12.73 4.30
C ARG A 431 -22.80 12.44 2.90
N PRO A 432 -21.90 11.47 2.77
CA PRO A 432 -21.30 11.20 1.46
C PRO A 432 -22.33 10.74 0.44
N VAL A 433 -22.12 11.14 -0.81
CA VAL A 433 -23.09 10.93 -1.88
C VAL A 433 -22.68 9.73 -2.73
N SER A 434 -23.67 9.07 -3.32
CA SER A 434 -23.46 7.94 -4.21
C SER A 434 -24.43 8.07 -5.37
N THR A 435 -24.06 7.48 -6.51
CA THR A 435 -24.96 7.46 -7.66
C THR A 435 -26.31 6.84 -7.31
N THR A 436 -26.29 5.72 -6.57
CA THR A 436 -27.53 5.09 -6.14
C THR A 436 -28.37 6.02 -5.27
N ALA A 437 -27.73 6.74 -4.34
CA ALA A 437 -28.47 7.64 -3.47
C ALA A 437 -29.03 8.83 -4.24
N LEU A 438 -28.31 9.28 -5.27
CA LEU A 438 -28.83 10.36 -6.11
C LEU A 438 -30.11 9.94 -6.81
N LEU A 439 -30.10 8.76 -7.44
CA LEU A 439 -31.29 8.26 -8.13
C LEU A 439 -32.46 8.14 -7.17
N THR A 440 -32.20 7.69 -5.94
CA THR A 440 -33.28 7.60 -4.95
C THR A 440 -33.84 8.98 -4.63
N LEU A 441 -32.97 9.97 -4.44
CA LEU A 441 -33.43 11.32 -4.16
C LEU A 441 -34.19 11.91 -5.35
N VAL A 442 -33.76 11.59 -6.57
CA VAL A 442 -34.47 12.10 -7.75
C VAL A 442 -35.87 11.51 -7.80
N LYS A 443 -35.98 10.21 -7.58
CA LYS A 443 -37.30 9.57 -7.54
C LYS A 443 -38.16 10.15 -6.44
N THR A 444 -37.55 10.42 -5.27
CA THR A 444 -38.30 10.95 -4.14
C THR A 444 -38.80 12.37 -4.41
N GLN A 445 -37.94 13.22 -4.96
CA GLN A 445 -38.24 14.63 -5.12
C GLN A 445 -38.85 14.96 -6.48
N LEU A 446 -38.32 14.36 -7.56
CA LEU A 446 -38.71 14.75 -8.92
C LEU A 446 -39.63 13.74 -9.60
N GLY A 447 -39.81 12.56 -9.04
CA GLY A 447 -40.72 11.59 -9.61
C GLY A 447 -39.97 10.45 -10.29
N ALA A 448 -40.67 9.31 -10.40
CA ALA A 448 -40.07 8.12 -10.99
C ALA A 448 -39.71 8.34 -12.46
N GLU A 449 -40.50 9.13 -13.18
CA GLU A 449 -40.20 9.40 -14.58
C GLU A 449 -38.87 10.14 -14.72
N ALA A 450 -38.68 11.18 -13.91
CA ALA A 450 -37.39 11.87 -13.90
C ALA A 450 -36.26 10.92 -13.52
N GLU A 451 -36.49 10.08 -12.50
CA GLU A 451 -35.51 9.06 -12.12
C GLU A 451 -35.14 8.18 -13.29
N GLN A 452 -36.14 7.75 -14.08
CA GLN A 452 -35.86 6.94 -15.26
C GLN A 452 -35.03 7.70 -16.27
N THR A 453 -35.31 9.00 -16.45
CA THR A 453 -34.53 9.81 -17.38
C THR A 453 -33.07 9.85 -16.98
N LEU A 454 -32.79 10.10 -15.70
CA LEU A 454 -31.42 10.05 -15.21
C LEU A 454 -30.83 8.66 -15.38
N ARG A 455 -31.64 7.63 -15.15
CA ARG A 455 -31.16 6.24 -15.29
C ARG A 455 -30.58 6.00 -16.68
N VAL A 456 -31.23 6.54 -17.72
CA VAL A 456 -30.74 6.39 -19.09
C VAL A 456 -29.28 6.82 -19.19
N TRP A 457 -28.93 7.94 -18.57
CA TRP A 457 -27.58 8.46 -18.65
C TRP A 457 -26.64 7.85 -17.61
N VAL A 458 -27.17 7.30 -16.52
CA VAL A 458 -26.33 6.72 -15.49
C VAL A 458 -25.85 5.33 -15.89
N GLU A 459 -26.72 4.55 -16.52
CA GLU A 459 -26.41 3.19 -16.96
C GLU A 459 -26.26 3.16 -18.47
N GLY A 460 -25.83 2.01 -18.98
CA GLY A 460 -25.66 1.82 -20.40
C GLY A 460 -24.30 2.24 -20.92
N ARG A 461 -23.70 1.39 -21.77
CA ARG A 461 -22.35 1.65 -22.26
C ARG A 461 -22.31 2.68 -23.38
N THR A 462 -23.39 2.81 -24.15
CA THR A 462 -23.37 3.72 -25.29
C THR A 462 -23.97 5.08 -24.91
N LEU A 463 -23.54 6.10 -25.64
CA LEU A 463 -23.94 7.46 -25.33
C LEU A 463 -25.36 7.72 -25.84
N PRO A 464 -26.30 8.05 -24.97
CA PRO A 464 -27.68 8.32 -25.42
C PRO A 464 -27.72 9.56 -26.30
N PRO A 465 -28.83 9.80 -27.01
CA PRO A 465 -28.90 10.99 -27.86
C PRO A 465 -28.80 12.27 -27.06
N LEU A 466 -28.44 13.35 -27.76
CA LEU A 466 -28.25 14.65 -27.15
C LEU A 466 -29.57 15.11 -26.52
N PRO A 467 -29.58 15.43 -25.22
CA PRO A 467 -30.82 15.88 -24.57
C PRO A 467 -31.30 17.19 -25.17
N GLU A 468 -32.54 17.19 -25.65
CA GLU A 468 -33.12 18.33 -26.31
C GLU A 468 -34.48 18.64 -25.70
N PRO A 469 -34.89 19.91 -25.70
CA PRO A 469 -36.22 20.26 -25.18
C PRO A 469 -37.31 19.63 -26.01
N VAL A 470 -38.15 18.84 -25.35
CA VAL A 470 -39.26 18.15 -26.01
C VAL A 470 -40.22 19.14 -26.65
N GLN B 38 21.58 -2.60 -12.75
CA GLN B 38 20.45 -3.35 -13.30
C GLN B 38 20.07 -4.53 -12.41
N SER B 39 21.07 -5.28 -11.93
CA SER B 39 20.81 -6.31 -10.93
C SER B 39 20.36 -5.66 -9.62
N VAL B 40 19.86 -6.50 -8.70
CA VAL B 40 19.43 -5.98 -7.41
C VAL B 40 20.60 -5.39 -6.62
N GLY B 41 21.83 -5.85 -6.89
CA GLY B 41 22.98 -5.31 -6.20
C GLY B 41 23.26 -5.94 -4.86
N ASP B 42 22.82 -7.18 -4.65
CA ASP B 42 23.03 -7.85 -3.37
C ASP B 42 24.51 -7.89 -3.01
N SER B 43 24.81 -7.62 -1.74
CA SER B 43 26.19 -7.58 -1.28
C SER B 43 26.86 -8.95 -1.37
N ILE B 44 26.08 -10.03 -1.24
CA ILE B 44 26.68 -11.37 -1.32
C ILE B 44 26.60 -11.93 -2.74
N PHE B 45 25.46 -11.77 -3.41
CA PHE B 45 25.27 -12.27 -4.77
C PHE B 45 24.94 -11.10 -5.69
N PRO B 46 25.96 -10.43 -6.25
CA PRO B 46 25.72 -9.16 -6.93
C PRO B 46 25.05 -9.28 -8.30
N SER B 47 24.89 -10.49 -8.84
CA SER B 47 24.28 -10.64 -10.16
C SER B 47 22.80 -11.00 -10.11
N LEU B 48 22.25 -11.30 -8.93
CA LEU B 48 20.88 -11.79 -8.83
C LEU B 48 19.87 -10.65 -8.96
N GLY B 49 18.72 -10.97 -9.55
CA GLY B 49 17.59 -10.06 -9.58
C GLY B 49 17.75 -8.90 -10.55
N GLN B 50 16.74 -8.03 -10.54
CA GLN B 50 16.74 -6.80 -11.32
C GLN B 50 16.27 -5.65 -10.45
N ARG B 51 17.08 -4.60 -10.36
CA ARG B 51 16.72 -3.46 -9.54
C ARG B 51 15.43 -2.81 -10.02
N GLY B 52 14.54 -2.51 -9.08
CA GLY B 52 13.29 -1.84 -9.38
C GLY B 52 12.16 -2.75 -9.79
N LEU B 53 12.42 -4.03 -10.06
CA LEU B 53 11.37 -4.96 -10.43
C LEU B 53 10.60 -5.40 -9.20
N ASP B 54 9.27 -5.49 -9.34
CA ASP B 54 8.38 -5.89 -8.25
C ASP B 54 7.40 -6.92 -8.79
N VAL B 55 7.82 -8.19 -8.80
CA VAL B 55 6.91 -9.26 -9.19
C VAL B 55 5.84 -9.40 -8.10
N GLN B 56 4.58 -9.31 -8.52
CA GLN B 56 3.47 -9.40 -7.57
C GLN B 56 2.84 -10.78 -7.52
N HIS B 57 2.90 -11.54 -8.60
CA HIS B 57 2.25 -12.86 -8.63
C HIS B 57 2.95 -13.74 -9.66
N TYR B 58 3.06 -15.02 -9.33
CA TYR B 58 3.53 -16.04 -10.25
C TYR B 58 2.39 -17.02 -10.51
N ASP B 59 1.99 -17.15 -11.77
CA ASP B 59 1.02 -18.15 -12.19
C ASP B 59 1.81 -19.21 -12.97
N LEU B 60 2.10 -20.33 -12.31
CA LEU B 60 2.98 -21.34 -12.85
C LEU B 60 2.21 -22.63 -13.15
N HIS B 61 2.32 -23.10 -14.39
CA HIS B 61 1.96 -24.47 -14.72
C HIS B 61 3.26 -25.22 -14.96
N LEU B 62 3.60 -26.11 -14.03
CA LEU B 62 4.80 -26.93 -14.13
C LEU B 62 4.40 -28.36 -14.44
N THR B 63 5.07 -28.97 -15.42
CA THR B 63 4.86 -30.37 -15.75
C THR B 63 6.14 -31.13 -15.45
N VAL B 64 6.01 -32.23 -14.72
CA VAL B 64 7.15 -33.11 -14.41
C VAL B 64 6.85 -34.49 -15.00
N PRO B 65 7.54 -34.90 -16.06
CA PRO B 65 7.18 -36.17 -16.71
C PRO B 65 7.52 -37.38 -15.86
N ARG B 66 8.65 -37.36 -15.15
CA ARG B 66 9.09 -38.49 -14.34
C ARG B 66 9.65 -37.98 -13.02
N PRO B 67 8.88 -38.06 -11.94
CA PRO B 67 9.41 -37.69 -10.62
C PRO B 67 10.68 -38.45 -10.29
N GLY B 68 11.67 -37.73 -9.79
CA GLY B 68 12.99 -38.28 -9.57
C GLY B 68 13.99 -37.97 -10.66
N GLU B 69 13.51 -37.50 -11.82
CA GLU B 69 14.33 -37.08 -12.95
C GLU B 69 14.19 -35.58 -13.16
N PRO B 70 15.30 -34.87 -13.43
CA PRO B 70 15.27 -33.41 -13.35
C PRO B 70 14.52 -32.70 -14.47
N HIS B 71 14.34 -33.33 -15.63
CA HIS B 71 13.71 -32.64 -16.76
C HIS B 71 12.29 -32.22 -16.44
N LEU B 72 11.85 -31.12 -17.03
CA LEU B 72 10.51 -30.59 -16.83
C LEU B 72 10.21 -29.55 -17.91
N SER B 73 8.96 -29.09 -17.92
CA SER B 73 8.52 -27.99 -18.77
C SER B 73 7.65 -27.07 -17.93
N GLY B 74 7.61 -25.80 -18.31
CA GLY B 74 6.91 -24.80 -17.51
C GLY B 74 6.22 -23.76 -18.39
N ASP B 75 5.16 -23.17 -17.83
CA ASP B 75 4.39 -22.12 -18.48
C ASP B 75 3.96 -21.15 -17.39
N VAL B 76 4.60 -19.99 -17.32
CA VAL B 76 4.41 -19.07 -16.19
C VAL B 76 4.00 -17.70 -16.72
N THR B 77 3.06 -17.07 -16.02
CA THR B 77 2.68 -15.68 -16.28
C THR B 77 2.96 -14.87 -15.02
N LEU B 78 3.90 -13.94 -15.11
CA LEU B 78 4.24 -13.06 -14.00
C LEU B 78 3.44 -11.77 -14.09
N THR B 79 2.75 -11.43 -13.01
CA THR B 79 2.15 -10.10 -12.85
C THR B 79 3.17 -9.24 -12.12
N VAL B 80 3.71 -8.23 -12.79
CA VAL B 80 4.84 -7.48 -12.28
C VAL B 80 4.52 -5.99 -12.24
N GLY B 81 5.08 -5.32 -11.24
CA GLY B 81 5.06 -3.88 -11.18
C GLY B 81 6.49 -3.36 -11.20
N ALA B 82 6.68 -2.09 -10.90
CA ALA B 82 8.02 -1.52 -10.91
C ALA B 82 8.10 -0.38 -9.92
N ARG B 83 9.25 -0.25 -9.28
CA ARG B 83 9.55 0.88 -8.40
C ARG B 83 10.38 1.95 -9.10
N GLU B 84 10.83 1.68 -10.32
CA GLU B 84 11.49 2.65 -11.18
C GLU B 84 11.20 2.25 -12.62
N PRO B 85 11.30 3.18 -13.56
CA PRO B 85 11.01 2.82 -14.96
C PRO B 85 11.93 1.71 -15.47
N LEU B 86 11.32 0.71 -16.10
CA LEU B 86 12.04 -0.43 -16.65
C LEU B 86 11.72 -0.57 -18.13
N SER B 87 12.75 -0.54 -18.96
CA SER B 87 12.60 -0.79 -20.38
C SER B 87 12.70 -2.26 -20.72
N ARG B 88 13.16 -3.09 -19.77
CA ARG B 88 13.26 -4.53 -19.98
C ARG B 88 12.89 -5.24 -18.68
N ILE B 89 12.45 -6.49 -18.83
CA ILE B 89 12.24 -7.39 -17.70
C ILE B 89 13.34 -8.44 -17.73
N VAL B 90 14.14 -8.48 -16.68
CA VAL B 90 15.30 -9.36 -16.60
C VAL B 90 15.08 -10.33 -15.46
N LEU B 91 14.92 -11.61 -15.78
CA LEU B 91 14.60 -12.65 -14.81
C LEU B 91 15.75 -13.64 -14.71
N ASP B 92 15.89 -14.23 -13.52
CA ASP B 92 16.90 -15.26 -13.30
C ASP B 92 16.38 -16.61 -13.79
N LEU B 93 17.18 -17.31 -14.59
CA LEU B 93 16.86 -18.64 -15.05
C LEU B 93 18.16 -19.40 -15.30
N LEU B 94 18.25 -20.63 -14.78
CA LEU B 94 19.49 -21.41 -14.80
C LEU B 94 19.18 -22.85 -15.21
N GLY B 95 19.20 -23.11 -16.51
CA GLY B 95 19.02 -24.46 -17.00
C GLY B 95 18.08 -24.59 -18.17
N PRO B 96 16.78 -24.47 -17.93
CA PRO B 96 15.78 -24.64 -18.99
C PRO B 96 15.97 -23.62 -20.10
N ARG B 97 15.27 -23.86 -21.21
CA ARG B 97 15.43 -23.09 -22.43
C ARG B 97 14.09 -22.45 -22.77
N VAL B 98 14.04 -21.12 -22.73
CA VAL B 98 12.81 -20.41 -23.06
C VAL B 98 12.52 -20.59 -24.55
N SER B 99 11.25 -20.85 -24.86
CA SER B 99 10.81 -21.05 -26.23
C SER B 99 9.90 -19.95 -26.76
N ALA B 100 9.31 -19.14 -25.88
CA ALA B 100 8.40 -18.09 -26.29
C ALA B 100 8.20 -17.13 -25.11
N ALA B 101 7.89 -15.88 -25.44
CA ALA B 101 7.70 -14.85 -24.44
C ALA B 101 6.59 -13.90 -24.89
N GLN B 102 5.79 -13.44 -23.94
CA GLN B 102 4.67 -12.55 -24.24
C GLN B 102 4.59 -11.46 -23.17
N TRP B 103 4.16 -10.28 -23.60
CA TRP B 103 3.97 -9.14 -22.72
C TRP B 103 2.60 -8.54 -22.99
N ASN B 104 1.72 -8.60 -21.99
CA ASN B 104 0.33 -8.16 -22.13
C ASN B 104 -0.36 -8.88 -23.29
N GLY B 105 -0.14 -10.19 -23.38
CA GLY B 105 -0.75 -11.01 -24.40
C GLY B 105 -0.20 -10.85 -25.79
N GLN B 106 0.83 -10.04 -25.99
CA GLN B 106 1.43 -9.85 -27.30
C GLN B 106 2.85 -10.42 -27.31
N ARG B 107 3.26 -10.92 -28.48
CA ARG B 107 4.62 -11.39 -28.68
C ARG B 107 5.61 -10.29 -28.33
N VAL B 108 6.73 -10.68 -27.72
CA VAL B 108 7.71 -9.73 -27.21
C VAL B 108 9.12 -10.22 -27.54
N ARG B 109 10.03 -9.26 -27.63
CA ARG B 109 11.43 -9.54 -27.89
C ARG B 109 12.07 -10.10 -26.62
N TRP B 110 12.82 -11.20 -26.77
CA TRP B 110 13.47 -11.79 -25.60
C TRP B 110 14.81 -12.39 -26.01
N VAL B 111 15.66 -12.56 -25.01
CA VAL B 111 16.97 -13.21 -25.20
C VAL B 111 17.35 -13.92 -23.90
N GLN B 112 18.01 -15.07 -24.05
CA GLN B 112 18.48 -15.85 -22.92
C GLN B 112 19.99 -15.89 -22.97
N THR B 113 20.65 -15.39 -21.93
CA THR B 113 22.10 -15.30 -21.93
C THR B 113 22.73 -16.60 -21.45
N ALA B 114 22.92 -16.71 -20.14
CA ALA B 114 23.51 -17.91 -19.54
C ALA B 114 22.86 -18.14 -18.19
N GLN B 115 22.46 -17.05 -17.54
CA GLN B 115 21.82 -17.11 -16.23
C GLN B 115 20.62 -16.17 -16.15
N LYS B 116 20.22 -15.55 -17.25
CA LYS B 116 19.15 -14.56 -17.27
C LYS B 116 18.31 -14.70 -18.52
N VAL B 117 17.09 -14.15 -18.45
CA VAL B 117 16.22 -13.97 -19.60
C VAL B 117 15.88 -12.48 -19.67
N GLU B 118 16.23 -11.84 -20.77
CA GLU B 118 15.96 -10.42 -20.99
C GLU B 118 14.78 -10.26 -21.93
N VAL B 119 13.79 -9.47 -21.51
CA VAL B 119 12.57 -9.23 -22.28
C VAL B 119 12.48 -7.73 -22.55
N THR B 120 12.64 -7.33 -23.80
CA THR B 120 12.51 -5.92 -24.17
C THR B 120 11.04 -5.57 -24.37
N LEU B 121 10.54 -4.64 -23.57
CA LEU B 121 9.13 -4.28 -23.63
C LEU B 121 8.88 -3.28 -24.75
N PRO B 122 7.65 -3.23 -25.29
CA PRO B 122 7.34 -2.22 -26.32
C PRO B 122 7.29 -0.81 -25.76
N ARG B 123 7.02 -0.65 -24.47
CA ARG B 123 7.08 0.62 -23.78
C ARG B 123 7.46 0.34 -22.34
N PRO B 124 8.08 1.30 -21.65
CA PRO B 124 8.60 1.02 -20.30
C PRO B 124 7.50 0.73 -19.30
N LEU B 125 7.81 -0.14 -18.34
CA LEU B 125 6.97 -0.38 -17.19
C LEU B 125 7.30 0.65 -16.12
N ARG B 126 6.33 1.49 -15.80
CA ARG B 126 6.58 2.61 -14.91
C ARG B 126 5.86 2.42 -13.57
N PRO B 127 6.37 3.02 -12.49
CA PRO B 127 5.71 2.88 -11.18
C PRO B 127 4.23 3.20 -11.26
N GLY B 128 3.43 2.32 -10.68
CA GLY B 128 1.98 2.40 -10.75
C GLY B 128 1.35 1.48 -11.77
N GLU B 129 2.10 1.05 -12.78
CA GLU B 129 1.59 0.16 -13.81
C GLU B 129 1.90 -1.30 -13.45
N THR B 130 1.13 -2.21 -14.05
CA THR B 130 1.39 -3.63 -13.93
C THR B 130 1.18 -4.29 -15.29
N GLY B 131 1.98 -5.33 -15.56
CA GLY B 131 1.85 -6.07 -16.79
C GLY B 131 1.98 -7.56 -16.53
N ARG B 132 1.67 -8.34 -17.57
CA ARG B 132 1.69 -9.80 -17.49
C ARG B 132 2.73 -10.32 -18.48
N LEU B 133 3.79 -10.93 -17.95
CA LEU B 133 4.84 -11.54 -18.77
C LEU B 133 4.68 -13.05 -18.75
N ARG B 134 4.51 -13.65 -19.93
CA ARG B 134 4.34 -15.10 -20.06
C ARG B 134 5.57 -15.70 -20.71
N LEU B 135 6.12 -16.74 -20.09
CA LEU B 135 7.31 -17.41 -20.59
C LEU B 135 7.07 -18.91 -20.68
N ILE B 136 7.37 -19.47 -21.86
CA ILE B 136 7.31 -20.92 -22.08
C ILE B 136 8.74 -21.44 -22.09
N TYR B 137 8.97 -22.52 -21.34
CA TYR B 137 10.34 -23.03 -21.17
C TYR B 137 10.29 -24.50 -20.83
N ALA B 138 11.39 -25.18 -21.11
CA ALA B 138 11.52 -26.61 -20.85
C ALA B 138 12.99 -26.97 -20.84
N GLY B 139 13.33 -28.00 -20.09
CA GLY B 139 14.69 -28.46 -20.01
C GLY B 139 14.99 -28.99 -18.62
N THR B 140 16.28 -28.90 -18.26
CA THR B 140 16.77 -29.48 -17.02
C THR B 140 17.29 -28.37 -16.11
N PRO B 141 16.73 -28.19 -14.92
CA PRO B 141 17.26 -27.18 -14.00
C PRO B 141 18.68 -27.51 -13.57
N GLU B 142 19.51 -26.48 -13.46
CA GLU B 142 20.87 -26.63 -12.97
C GLU B 142 20.94 -26.11 -11.54
N LEU B 143 21.67 -26.83 -10.70
CA LEU B 143 21.93 -26.35 -9.35
C LEU B 143 23.01 -25.28 -9.40
N SER B 144 22.76 -24.17 -8.71
CA SER B 144 23.76 -23.11 -8.65
C SER B 144 24.79 -23.44 -7.56
N GLY B 145 25.97 -22.86 -7.71
CA GLY B 145 27.12 -23.34 -6.97
C GLY B 145 27.05 -22.95 -5.50
N ASP B 146 27.47 -23.89 -4.65
CA ASP B 146 27.41 -23.73 -3.20
C ASP B 146 28.80 -23.98 -2.63
N PRO B 147 29.75 -23.08 -2.86
CA PRO B 147 31.09 -23.31 -2.31
C PRO B 147 31.17 -22.81 -0.88
N GLY B 148 30.89 -23.72 0.05
CA GLY B 148 30.75 -23.40 1.46
C GLY B 148 29.33 -23.51 1.96
N LEU B 149 28.34 -23.31 1.09
CA LEU B 149 26.96 -23.45 1.50
C LEU B 149 26.66 -24.90 1.86
N PRO B 150 25.82 -25.14 2.88
CA PRO B 150 25.51 -26.53 3.26
C PRO B 150 24.80 -27.33 2.19
N ILE B 151 24.12 -26.68 1.25
CA ILE B 151 23.45 -27.39 0.16
C ILE B 151 23.65 -26.61 -1.13
N ARG B 152 23.70 -27.35 -2.24
CA ARG B 152 23.63 -26.76 -3.57
C ARG B 152 22.17 -26.50 -3.87
N PRO B 153 21.71 -25.25 -3.78
CA PRO B 153 20.28 -24.99 -3.88
C PRO B 153 19.77 -25.16 -5.30
N GLY B 154 18.50 -25.55 -5.39
CA GLY B 154 17.82 -25.67 -6.67
C GLY B 154 16.91 -26.88 -6.69
N TRP B 155 16.50 -27.26 -7.90
CA TRP B 155 15.61 -28.40 -8.13
C TRP B 155 16.35 -29.68 -7.77
N GLN B 156 15.88 -30.38 -6.74
CA GLN B 156 16.51 -31.60 -6.27
C GLN B 156 15.82 -32.82 -6.87
N ASN B 157 16.61 -33.87 -7.09
CA ASN B 157 16.10 -35.12 -7.65
C ASN B 157 16.79 -36.28 -6.97
N GLU B 158 16.00 -37.18 -6.36
CA GLU B 158 16.53 -38.36 -5.69
C GLU B 158 15.41 -39.29 -5.23
N ALA B 159 15.57 -40.59 -5.52
CA ALA B 159 14.67 -41.64 -5.02
C ALA B 159 13.22 -41.36 -5.42
N GLY B 160 13.00 -41.22 -6.73
CA GLY B 160 11.67 -41.03 -7.25
C GLY B 160 10.98 -39.75 -6.85
N LEU B 161 11.71 -38.82 -6.22
CA LEU B 161 11.15 -37.57 -5.75
C LEU B 161 11.85 -36.40 -6.42
N SER B 162 11.07 -35.41 -6.84
CA SER B 162 11.59 -34.14 -7.32
C SER B 162 11.01 -33.04 -6.45
N TYR B 163 11.87 -32.18 -5.90
CA TYR B 163 11.42 -31.19 -4.94
C TYR B 163 12.37 -30.00 -4.96
N SER B 164 11.86 -28.86 -4.51
CA SER B 164 12.63 -27.63 -4.45
C SER B 164 13.27 -27.47 -3.08
N LEU B 165 14.59 -27.26 -3.07
CA LEU B 165 15.35 -26.87 -1.88
C LEU B 165 16.28 -25.76 -2.37
N SER B 166 15.77 -24.53 -2.39
CA SER B 166 16.32 -23.50 -3.25
C SER B 166 16.90 -22.29 -2.51
N GLU B 167 17.02 -22.34 -1.18
CA GLU B 167 17.65 -21.23 -0.52
C GLU B 167 19.17 -21.33 -0.68
N PRO B 168 19.85 -20.25 -1.09
CA PRO B 168 19.26 -18.93 -1.33
C PRO B 168 18.76 -18.66 -2.75
N HIS B 169 19.42 -19.21 -3.77
CA HIS B 169 19.17 -18.78 -5.16
C HIS B 169 19.07 -19.99 -6.07
N GLY B 170 18.20 -20.94 -5.73
CA GLY B 170 18.05 -22.13 -6.53
C GLY B 170 16.76 -22.19 -7.33
N THR B 171 15.80 -21.32 -6.99
CA THR B 171 14.51 -21.35 -7.67
C THR B 171 14.65 -21.03 -9.15
N ARG B 172 15.62 -20.18 -9.51
CA ARG B 172 15.89 -19.87 -10.90
C ARG B 172 16.16 -21.11 -11.75
N GLY B 173 16.46 -22.24 -11.12
CA GLY B 173 16.71 -23.45 -11.88
C GLY B 173 15.46 -23.94 -12.60
N PHE B 174 14.30 -23.84 -11.96
CA PHE B 174 13.07 -24.36 -12.54
C PHE B 174 12.00 -23.31 -12.76
N LEU B 175 12.27 -22.04 -12.49
CA LEU B 175 11.26 -21.01 -12.59
C LEU B 175 11.90 -19.67 -12.95
N PRO B 176 11.60 -19.11 -14.12
CA PRO B 176 12.07 -17.74 -14.42
C PRO B 176 11.52 -16.78 -13.39
N CYS B 177 12.42 -16.10 -12.68
CA CYS B 177 11.99 -15.41 -11.47
C CYS B 177 12.97 -14.29 -11.15
N ASN B 178 12.46 -13.30 -10.42
CA ASN B 178 13.29 -12.33 -9.72
C ASN B 178 13.77 -12.98 -8.44
N ASP B 179 14.96 -13.60 -8.51
CA ASP B 179 15.37 -14.56 -7.49
C ASP B 179 16.16 -13.86 -6.37
N HIS B 180 15.42 -13.09 -5.58
CA HIS B 180 16.01 -12.34 -4.48
C HIS B 180 14.92 -12.12 -3.44
N PRO B 181 15.23 -12.26 -2.14
CA PRO B 181 14.18 -12.11 -1.12
C PRO B 181 13.63 -10.70 -1.01
N SER B 182 14.33 -9.70 -1.56
CA SER B 182 13.80 -8.34 -1.57
C SER B 182 12.46 -8.22 -2.29
N ASP B 183 12.09 -9.19 -3.11
CA ASP B 183 10.91 -9.09 -3.96
C ASP B 183 10.02 -10.32 -3.79
N PRO B 184 9.41 -10.49 -2.62
CA PRO B 184 8.48 -11.62 -2.44
C PRO B 184 7.26 -11.46 -3.35
N ALA B 185 6.52 -12.54 -3.49
CA ALA B 185 5.35 -12.54 -4.36
C ALA B 185 4.44 -13.68 -3.96
N THR B 186 3.21 -13.61 -4.48
CA THR B 186 2.26 -14.72 -4.34
C THR B 186 2.44 -15.68 -5.51
N PHE B 187 2.03 -16.92 -5.29
CA PHE B 187 2.23 -17.98 -6.26
C PHE B 187 0.95 -18.78 -6.44
N THR B 188 0.65 -19.13 -7.69
CA THR B 188 -0.35 -20.14 -8.02
C THR B 188 0.33 -21.21 -8.86
N VAL B 189 0.38 -22.43 -8.35
CA VAL B 189 1.14 -23.51 -8.98
C VAL B 189 0.17 -24.59 -9.41
N ARG B 190 0.14 -24.85 -10.72
CA ARG B 190 -0.56 -26.00 -11.31
C ARG B 190 0.52 -26.97 -11.73
N VAL B 191 0.59 -28.11 -11.06
CA VAL B 191 1.62 -29.12 -11.31
C VAL B 191 0.97 -30.33 -11.96
N THR B 192 1.53 -30.76 -13.08
CA THR B 192 1.04 -31.91 -13.84
C THR B 192 2.04 -33.05 -13.71
N VAL B 193 1.58 -34.17 -13.15
CA VAL B 193 2.43 -35.31 -12.85
C VAL B 193 1.72 -36.59 -13.32
N PRO B 194 2.46 -37.70 -13.44
CA PRO B 194 1.81 -38.98 -13.75
C PRO B 194 0.77 -39.35 -12.71
N ALA B 195 -0.25 -40.08 -13.16
CA ALA B 195 -1.33 -40.51 -12.27
C ALA B 195 -0.80 -41.38 -11.13
N SER B 196 0.32 -42.06 -11.33
CA SER B 196 0.90 -42.88 -10.27
C SER B 196 1.49 -42.03 -9.15
N ALA B 197 1.82 -40.78 -9.41
CA ALA B 197 2.43 -39.89 -8.43
C ALA B 197 1.44 -38.83 -7.97
N SER B 198 1.90 -37.98 -7.08
CA SER B 198 1.14 -36.83 -6.60
C SER B 198 2.10 -35.65 -6.47
N ALA B 199 1.61 -34.55 -5.91
CA ALA B 199 2.44 -33.37 -5.78
C ALA B 199 1.90 -32.49 -4.66
N ALA B 200 2.77 -31.61 -4.17
CA ALA B 200 2.40 -30.67 -3.12
C ALA B 200 3.22 -29.40 -3.30
N ALA B 201 2.52 -28.27 -3.33
CA ALA B 201 3.15 -26.97 -3.42
C ALA B 201 2.60 -26.08 -2.32
N SER B 202 3.32 -24.99 -2.04
CA SER B 202 2.87 -24.03 -1.05
C SER B 202 1.51 -23.46 -1.44
N GLY B 203 0.68 -23.21 -0.44
CA GLY B 203 -0.64 -22.66 -0.70
C GLY B 203 -1.74 -23.68 -0.49
N LEU B 204 -2.96 -23.18 -0.37
CA LEU B 204 -4.10 -24.04 -0.13
C LEU B 204 -4.36 -24.93 -1.35
N PHE B 205 -4.61 -26.20 -1.09
CA PHE B 205 -4.98 -27.13 -2.15
C PHE B 205 -6.38 -26.79 -2.65
N THR B 206 -6.49 -26.53 -3.95
CA THR B 206 -7.76 -26.10 -4.56
C THR B 206 -8.46 -27.23 -5.28
N THR B 207 -8.00 -27.56 -6.48
CA THR B 207 -8.66 -28.51 -7.35
C THR B 207 -7.66 -29.53 -7.87
N GLN B 208 -8.20 -30.69 -8.26
CA GLN B 208 -7.41 -31.75 -8.89
C GLN B 208 -8.17 -32.30 -10.08
N THR B 209 -7.51 -32.37 -11.23
CA THR B 209 -8.11 -32.91 -12.44
C THR B 209 -7.22 -34.01 -13.02
N GLU B 210 -7.83 -34.94 -13.73
CA GLU B 210 -7.14 -36.06 -14.33
C GLU B 210 -7.45 -36.12 -15.83
N ARG B 211 -6.45 -36.50 -16.62
CA ARG B 211 -6.64 -36.61 -18.06
C ARG B 211 -5.57 -37.50 -18.65
N ASN B 212 -5.98 -38.62 -19.23
CA ASN B 212 -5.10 -39.50 -20.00
C ASN B 212 -3.88 -39.93 -19.18
N GLY B 213 -4.13 -40.35 -17.94
CA GLY B 213 -3.06 -40.86 -17.10
C GLY B 213 -2.19 -39.81 -16.46
N LEU B 214 -2.62 -38.55 -16.45
CA LEU B 214 -1.86 -37.48 -15.82
C LEU B 214 -2.76 -36.74 -14.83
N LYS B 215 -2.17 -36.27 -13.74
CA LYS B 215 -2.86 -35.52 -12.70
C LYS B 215 -2.35 -34.08 -12.70
N THR B 216 -3.27 -33.13 -12.54
CA THR B 216 -2.91 -31.73 -12.38
C THR B 216 -3.49 -31.25 -11.05
N LEU B 217 -2.61 -30.84 -10.15
CA LEU B 217 -2.99 -30.34 -8.84
C LEU B 217 -2.69 -28.84 -8.79
N THR B 218 -3.62 -28.08 -8.22
CA THR B 218 -3.52 -26.63 -8.18
C THR B 218 -3.42 -26.16 -6.74
N PHE B 219 -2.43 -25.33 -6.47
CA PHE B 219 -2.21 -24.76 -5.14
C PHE B 219 -2.11 -23.25 -5.28
N THR B 220 -2.62 -22.53 -4.28
CA THR B 220 -2.67 -21.07 -4.31
C THR B 220 -2.01 -20.51 -3.06
N GLN B 221 -0.79 -20.02 -3.21
CA GLN B 221 -0.11 -19.28 -2.16
C GLN B 221 -0.56 -17.83 -2.22
N ARG B 222 -1.33 -17.39 -1.22
CA ARG B 222 -2.04 -16.12 -1.31
C ARG B 222 -1.44 -15.03 -0.42
N VAL B 223 -0.31 -15.29 0.24
CA VAL B 223 0.45 -14.24 0.91
C VAL B 223 1.85 -14.23 0.32
N PRO B 224 2.43 -13.07 0.07
CA PRO B 224 3.70 -13.02 -0.66
C PRO B 224 4.86 -13.55 0.17
N VAL B 225 5.66 -14.43 -0.43
CA VAL B 225 6.87 -14.98 0.18
C VAL B 225 7.97 -14.98 -0.87
N PRO B 226 9.23 -15.06 -0.44
CA PRO B 226 10.34 -15.08 -1.41
C PRO B 226 10.30 -16.31 -2.30
N THR B 227 11.06 -16.22 -3.41
CA THR B 227 11.08 -17.31 -4.38
C THR B 227 11.56 -18.61 -3.77
N TYR B 228 12.59 -18.55 -2.92
CA TYR B 228 13.11 -19.76 -2.31
C TYR B 228 12.14 -20.40 -1.32
N ALA B 229 11.15 -19.65 -0.85
CA ALA B 229 10.14 -20.17 0.05
C ALA B 229 8.97 -20.81 -0.67
N LEU B 230 9.04 -20.90 -2.00
CA LEU B 230 8.04 -21.63 -2.78
C LEU B 230 8.30 -23.12 -2.63
N GLY B 231 7.44 -23.80 -1.88
CA GLY B 231 7.54 -25.24 -1.76
C GLY B 231 6.96 -25.93 -2.99
N LEU B 232 7.63 -27.00 -3.41
CA LEU B 232 7.18 -27.77 -4.57
C LEU B 232 7.83 -29.14 -4.49
N ILE B 233 7.00 -30.18 -4.33
CA ILE B 233 7.46 -31.55 -4.22
C ILE B 233 6.52 -32.42 -5.06
N VAL B 234 7.10 -33.30 -5.87
CA VAL B 234 6.32 -34.21 -6.71
C VAL B 234 6.89 -35.62 -6.54
N GLY B 235 6.01 -36.62 -6.55
CA GLY B 235 6.39 -37.99 -6.32
C GLY B 235 5.35 -38.74 -5.50
N PRO B 236 5.76 -39.83 -4.86
CA PRO B 236 4.83 -40.59 -4.02
C PRO B 236 4.56 -39.91 -2.69
N LEU B 237 3.48 -39.13 -2.62
CA LEU B 237 3.17 -38.30 -1.46
C LEU B 237 1.76 -38.61 -0.97
N GLU B 238 1.61 -38.60 0.35
CA GLU B 238 0.32 -38.81 0.99
C GLU B 238 -0.07 -37.54 1.75
N ARG B 239 -1.26 -37.03 1.46
CA ARG B 239 -1.77 -35.86 2.17
C ARG B 239 -2.44 -36.32 3.46
N ARG B 240 -2.12 -35.63 4.56
CA ARG B 240 -2.66 -35.96 5.87
C ARG B 240 -3.13 -34.69 6.55
N THR B 241 -4.44 -34.53 6.68
CA THR B 241 -5.04 -33.37 7.31
C THR B 241 -5.07 -33.54 8.83
N ALA B 242 -5.11 -32.40 9.53
CA ALA B 242 -5.19 -32.38 10.99
C ALA B 242 -6.23 -31.37 11.44
N PRO B 243 -6.66 -31.38 12.71
CA PRO B 243 -7.68 -30.41 13.14
C PRO B 243 -7.23 -28.98 12.95
N ASP B 244 -8.17 -28.14 12.55
CA ASP B 244 -7.89 -26.71 12.39
C ASP B 244 -7.46 -26.10 13.71
N VAL B 245 -6.50 -25.17 13.62
CA VAL B 245 -6.03 -24.39 14.75
C VAL B 245 -6.60 -22.99 14.64
N GLN B 246 -7.01 -22.42 15.77
CA GLN B 246 -7.61 -21.08 15.82
C GLN B 246 -6.81 -20.21 16.78
N LEU B 247 -6.21 -19.15 16.25
CA LEU B 247 -5.36 -18.23 17.00
C LEU B 247 -6.08 -16.90 17.16
N GLY B 248 -6.88 -16.82 18.21
CA GLY B 248 -7.72 -15.64 18.42
C GLY B 248 -8.70 -15.51 17.28
N THR B 249 -8.58 -14.41 16.52
CA THR B 249 -9.36 -14.20 15.31
C THR B 249 -8.47 -14.44 14.10
N GLN B 250 -8.23 -15.71 13.85
CA GLN B 250 -7.55 -16.25 12.68
C GLN B 250 -7.68 -17.77 12.71
N THR B 251 -7.98 -18.38 11.57
CA THR B 251 -8.03 -19.84 11.47
C THR B 251 -6.86 -20.31 10.61
N VAL B 252 -6.18 -21.34 11.08
CA VAL B 252 -5.00 -21.88 10.40
C VAL B 252 -5.28 -23.34 10.10
N HIS B 253 -5.49 -23.65 8.82
CA HIS B 253 -5.70 -25.03 8.40
C HIS B 253 -4.47 -25.86 8.71
N ARG B 254 -4.67 -27.17 8.83
CA ARG B 254 -3.59 -28.08 9.17
C ARG B 254 -3.56 -29.24 8.19
N ARG B 255 -2.37 -29.54 7.69
CA ARG B 255 -2.12 -30.73 6.88
C ARG B 255 -0.62 -30.93 6.75
N ASP B 256 -0.20 -32.18 6.77
CA ASP B 256 1.19 -32.54 6.56
C ASP B 256 1.29 -33.49 5.37
N ILE B 257 2.45 -33.53 4.74
CA ILE B 257 2.72 -34.41 3.61
C ILE B 257 3.66 -35.51 4.09
N TYR B 258 3.32 -36.76 3.77
CA TYR B 258 4.14 -37.91 4.12
C TYR B 258 4.58 -38.60 2.84
N ALA B 259 5.86 -38.46 2.49
CA ALA B 259 6.40 -39.18 1.35
C ALA B 259 6.63 -40.64 1.71
N ALA B 260 6.77 -41.46 0.68
CA ALA B 260 6.97 -42.89 0.88
C ALA B 260 8.40 -43.19 1.30
N GLY B 261 8.57 -44.28 2.03
CA GLY B 261 9.88 -44.74 2.41
C GLY B 261 10.54 -43.96 3.54
N LEU B 262 9.74 -43.39 4.44
CA LEU B 262 10.30 -42.65 5.56
C LEU B 262 10.88 -43.62 6.59
N PRO B 263 11.97 -43.25 7.26
CA PRO B 263 12.51 -44.11 8.31
C PRO B 263 11.51 -44.29 9.44
N ALA B 264 11.69 -45.38 10.18
CA ALA B 264 10.86 -45.64 11.33
C ALA B 264 10.94 -44.47 12.33
N GLY B 265 9.80 -44.09 12.88
CA GLY B 265 9.76 -43.04 13.87
C GLY B 265 9.75 -41.63 13.31
N THR B 266 9.56 -41.47 12.01
CA THR B 266 9.49 -40.13 11.40
C THR B 266 8.05 -39.65 11.53
N THR B 267 7.75 -39.00 12.65
CA THR B 267 6.39 -38.63 13.00
C THR B 267 6.33 -37.17 13.42
N VAL B 268 5.11 -36.63 13.38
CA VAL B 268 4.79 -35.32 13.92
C VAL B 268 3.83 -35.56 15.09
N PRO B 269 4.26 -35.29 16.34
CA PRO B 269 3.40 -35.61 17.49
C PRO B 269 2.04 -34.92 17.39
N GLU B 270 1.01 -35.61 17.86
CA GLU B 270 -0.34 -35.08 17.79
C GLU B 270 -0.47 -33.80 18.61
N GLY B 271 -1.09 -32.78 18.02
CA GLY B 271 -1.34 -31.53 18.71
C GLY B 271 -0.14 -30.64 18.91
N GLU B 272 1.07 -31.08 18.54
CA GLU B 272 2.25 -30.25 18.74
C GLU B 272 2.18 -28.98 17.91
N THR B 273 1.87 -29.11 16.62
CA THR B 273 1.87 -27.94 15.74
C THR B 273 0.86 -26.90 16.19
N ALA B 274 -0.29 -27.34 16.70
CA ALA B 274 -1.27 -26.40 17.22
C ALA B 274 -0.70 -25.62 18.41
N ARG B 275 0.06 -26.29 19.27
CA ARG B 275 0.64 -25.61 20.43
C ARG B 275 1.74 -24.65 20.02
N MET B 276 2.60 -25.06 19.08
CA MET B 276 3.66 -24.17 18.61
C MET B 276 3.09 -22.90 17.99
N LEU B 277 2.07 -23.05 17.13
CA LEU B 277 1.42 -21.89 16.54
C LEU B 277 0.85 -20.97 17.62
N ARG B 278 0.31 -21.55 18.69
CA ARG B 278 -0.24 -20.76 19.78
C ARG B 278 0.84 -19.94 20.47
N VAL B 279 1.95 -20.59 20.84
CA VAL B 279 2.99 -19.89 21.59
C VAL B 279 3.69 -18.86 20.71
N LEU B 280 3.92 -19.21 19.44
CA LEU B 280 4.66 -18.30 18.55
C LEU B 280 3.84 -17.08 18.18
N SER B 281 2.59 -17.30 17.73
CA SER B 281 1.75 -16.17 17.33
C SER B 281 1.46 -15.25 18.50
N ASP B 282 1.47 -15.78 19.73
CA ASP B 282 1.32 -14.92 20.91
C ASP B 282 2.54 -14.05 21.14
N TRP B 283 3.71 -14.49 20.66
CA TRP B 283 4.93 -13.71 20.76
C TRP B 283 5.13 -12.77 19.58
N PHE B 284 4.77 -13.21 18.36
CA PHE B 284 5.11 -12.49 17.15
C PHE B 284 3.92 -11.81 16.47
N GLY B 285 2.69 -12.21 16.79
CA GLY B 285 1.53 -11.69 16.12
C GLY B 285 0.86 -12.76 15.27
N PRO B 286 -0.17 -12.38 14.51
CA PRO B 286 -0.94 -13.38 13.76
C PRO B 286 -0.06 -14.24 12.85
N TYR B 287 -0.48 -15.48 12.65
CA TYR B 287 0.22 -16.37 11.72
C TYR B 287 0.00 -15.88 10.30
N PRO B 288 1.06 -15.56 9.55
CA PRO B 288 0.87 -14.84 8.28
C PRO B 288 0.13 -15.63 7.21
N ASP B 289 0.08 -16.96 7.29
CA ASP B 289 -0.49 -17.77 6.23
C ASP B 289 -1.84 -18.32 6.66
N GLU B 290 -2.43 -19.15 5.79
CA GLU B 290 -3.73 -19.77 6.05
C GLU B 290 -3.63 -21.22 6.50
N VAL B 291 -2.46 -21.83 6.37
CA VAL B 291 -2.27 -23.24 6.66
C VAL B 291 -0.81 -23.45 7.06
N TYR B 292 -0.53 -24.56 7.75
CA TYR B 292 0.85 -24.91 8.04
C TYR B 292 0.97 -26.41 8.19
N GLY B 293 2.15 -26.90 7.80
CA GLY B 293 2.47 -28.30 7.99
C GLY B 293 3.89 -28.55 7.54
N VAL B 294 4.28 -29.81 7.53
CA VAL B 294 5.59 -30.22 7.08
C VAL B 294 5.44 -31.25 5.96
N ALA B 295 6.44 -31.31 5.10
CA ALA B 295 6.53 -32.30 4.04
C ALA B 295 7.70 -33.20 4.37
N LEU B 296 7.41 -34.37 4.94
CA LEU B 296 8.43 -35.29 5.40
C LEU B 296 8.97 -36.10 4.23
N LEU B 297 10.27 -35.93 3.92
CA LEU B 297 10.92 -36.55 2.79
C LEU B 297 11.99 -37.55 3.25
N PRO B 298 12.10 -38.70 2.57
CA PRO B 298 13.11 -39.69 2.97
C PRO B 298 14.52 -39.33 2.51
N VAL B 299 14.77 -38.05 2.29
CA VAL B 299 16.06 -37.59 1.82
C VAL B 299 16.84 -37.06 3.02
N ARG B 300 18.16 -36.98 2.85
CA ARG B 300 19.03 -36.40 3.87
C ARG B 300 19.44 -35.00 3.43
N GLN B 301 18.91 -33.99 4.10
CA GLN B 301 19.14 -32.60 3.77
C GLN B 301 18.68 -31.77 4.97
N LEU B 302 18.98 -30.49 4.91
CA LEU B 302 18.49 -29.58 5.93
C LEU B 302 17.06 -29.18 5.61
N ALA B 303 16.30 -28.88 6.66
CA ALA B 303 14.93 -28.41 6.45
C ALA B 303 14.95 -27.01 5.84
N LEU B 304 13.84 -26.66 5.19
CA LEU B 304 13.68 -25.34 4.62
C LEU B 304 12.26 -24.87 4.87
N GLU B 305 12.13 -23.61 5.28
CA GLU B 305 10.85 -23.02 5.67
C GLU B 305 9.97 -22.67 4.48
N THR B 306 9.78 -23.60 3.55
CA THR B 306 8.89 -23.34 2.44
C THR B 306 7.50 -22.98 2.95
N ALA B 307 6.87 -22.02 2.28
CA ALA B 307 5.73 -21.30 2.86
C ALA B 307 4.55 -22.24 3.15
N GLY B 308 4.06 -22.18 4.39
CA GLY B 308 2.91 -22.97 4.82
C GLY B 308 3.08 -24.47 4.72
N LEU B 309 4.28 -24.91 4.34
CA LEU B 309 4.55 -26.34 4.16
C LEU B 309 6.08 -26.51 4.17
N THR B 310 6.63 -26.63 5.37
CA THR B 310 8.07 -26.76 5.51
C THR B 310 8.56 -28.04 4.85
N THR B 311 9.54 -27.92 3.97
CA THR B 311 10.18 -29.08 3.36
C THR B 311 11.11 -29.69 4.41
N MET B 312 10.75 -30.88 4.90
CA MET B 312 11.35 -31.45 6.11
C MET B 312 11.93 -32.83 5.80
N PRO B 313 13.22 -32.91 5.47
CA PRO B 313 13.87 -34.22 5.39
C PRO B 313 13.84 -34.91 6.75
N ALA B 314 13.73 -36.24 6.71
CA ALA B 314 13.55 -37.00 7.94
C ALA B 314 14.73 -36.81 8.89
N THR B 315 15.95 -36.69 8.35
CA THR B 315 17.14 -36.56 9.18
C THR B 315 17.20 -35.25 9.94
N SER B 316 16.36 -34.27 9.61
CA SER B 316 16.30 -33.02 10.35
C SER B 316 15.02 -32.87 11.17
N ASN B 317 14.14 -33.88 11.17
CA ASN B 317 12.86 -33.81 11.88
C ASN B 317 13.05 -34.02 13.38
N ARG B 318 13.25 -32.94 14.11
CA ARG B 318 13.20 -32.97 15.56
C ARG B 318 12.45 -31.72 15.99
N GLU B 319 11.98 -31.72 17.25
CA GLU B 319 11.18 -30.62 17.77
C GLU B 319 11.83 -29.25 17.55
N ARG B 320 13.11 -29.11 17.92
CA ARG B 320 13.79 -27.82 17.78
C ARG B 320 13.72 -27.30 16.34
N VAL B 321 13.90 -28.20 15.36
CA VAL B 321 13.87 -27.79 13.96
C VAL B 321 12.44 -27.48 13.52
N ARG B 322 11.47 -28.28 13.97
CA ARG B 322 10.09 -28.04 13.58
C ARG B 322 9.59 -26.69 14.08
N LEU B 323 10.03 -26.28 15.27
CA LEU B 323 9.70 -24.94 15.75
C LEU B 323 10.46 -23.87 14.98
N HIS B 324 11.74 -24.11 14.73
CA HIS B 324 12.57 -23.19 13.97
C HIS B 324 11.96 -22.89 12.60
N ALA B 325 11.57 -23.94 11.88
CA ALA B 325 10.98 -23.75 10.55
C ALA B 325 9.67 -22.98 10.61
N LEU B 326 8.86 -23.23 11.64
CA LEU B 326 7.61 -22.50 11.80
C LEU B 326 7.85 -21.04 12.13
N ALA B 327 8.82 -20.77 13.01
CA ALA B 327 9.18 -19.39 13.34
C ALA B 327 9.59 -18.61 12.10
N HIS B 328 10.18 -19.29 11.11
CA HIS B 328 10.58 -18.66 9.87
C HIS B 328 9.40 -18.15 9.05
N GLN B 329 8.21 -18.72 9.24
CA GLN B 329 7.04 -18.24 8.51
C GLN B 329 6.81 -16.75 8.77
N TRP B 330 7.12 -16.29 9.97
CA TRP B 330 7.18 -14.86 10.24
C TRP B 330 8.50 -14.27 9.74
N PHE B 331 9.61 -14.80 10.23
CA PHE B 331 10.93 -14.20 10.06
C PHE B 331 11.64 -14.90 8.91
N GLY B 332 11.55 -14.32 7.72
CA GLY B 332 12.10 -14.93 6.52
C GLY B 332 11.10 -14.97 5.39
N ASP B 333 9.90 -15.49 5.66
CA ASP B 333 8.86 -15.60 4.64
C ASP B 333 7.97 -14.35 4.59
N GLN B 334 7.47 -13.90 5.74
CA GLN B 334 6.71 -12.66 5.77
C GLN B 334 7.64 -11.46 5.85
N VAL B 335 8.55 -11.44 6.82
CA VAL B 335 9.58 -10.41 6.93
C VAL B 335 10.80 -10.91 6.16
N THR B 336 11.03 -10.34 4.97
CA THR B 336 12.07 -10.83 4.07
C THR B 336 13.28 -9.91 4.10
N LEU B 337 14.40 -10.45 3.61
CA LEU B 337 15.67 -9.75 3.65
C LEU B 337 15.83 -8.82 2.45
N ALA B 338 16.31 -7.60 2.72
CA ALA B 338 16.68 -6.70 1.64
C ALA B 338 18.01 -7.08 1.03
N ASP B 339 18.87 -7.74 1.81
CA ASP B 339 20.19 -8.17 1.37
C ASP B 339 20.51 -9.48 2.06
N TRP B 340 21.12 -10.41 1.31
CA TRP B 340 21.50 -11.70 1.88
C TRP B 340 22.53 -11.57 2.99
N ALA B 341 23.22 -10.42 3.08
CA ALA B 341 24.18 -10.23 4.16
C ALA B 341 23.52 -10.24 5.54
N ASP B 342 22.22 -9.96 5.61
CA ASP B 342 21.50 -9.84 6.87
C ASP B 342 20.75 -11.12 7.25
N THR B 343 21.29 -12.29 6.91
CA THR B 343 20.62 -13.55 7.19
C THR B 343 20.34 -13.73 8.68
N TRP B 344 21.12 -13.08 9.54
CA TRP B 344 20.89 -13.19 10.98
C TRP B 344 19.51 -12.66 11.37
N LEU B 345 18.92 -11.78 10.55
CA LEU B 345 17.57 -11.32 10.82
C LEU B 345 16.56 -12.44 10.65
N SER B 346 16.87 -13.44 9.82
CA SER B 346 16.01 -14.61 9.69
C SER B 346 16.48 -15.73 10.61
N GLU B 347 17.78 -16.04 10.59
CA GLU B 347 18.29 -17.18 11.34
C GLU B 347 18.36 -16.88 12.84
N GLY B 348 18.72 -15.65 13.21
CA GLY B 348 18.77 -15.30 14.62
C GLY B 348 17.39 -15.24 15.26
N PHE B 349 16.42 -14.69 14.54
CA PHE B 349 15.05 -14.60 15.08
C PHE B 349 14.43 -15.98 15.21
N ALA B 350 14.55 -16.81 14.17
CA ALA B 350 13.98 -18.15 14.22
C ALA B 350 14.66 -19.00 15.29
N THR B 351 15.97 -18.81 15.49
CA THR B 351 16.67 -19.54 16.55
C THR B 351 16.23 -19.08 17.93
N TYR B 352 16.02 -17.77 18.11
CA TYR B 352 15.59 -17.29 19.42
C TYR B 352 14.17 -17.76 19.74
N ALA B 353 13.36 -18.00 18.71
CA ALA B 353 12.03 -18.56 18.95
C ALA B 353 12.11 -19.93 19.61
N GLU B 354 13.20 -20.67 19.38
CA GLU B 354 13.38 -21.96 20.05
C GLU B 354 13.53 -21.77 21.55
N LEU B 355 14.20 -20.69 21.97
CA LEU B 355 14.29 -20.39 23.39
C LEU B 355 12.93 -19.96 23.95
N LEU B 356 12.19 -19.16 23.19
CA LEU B 356 10.85 -18.77 23.60
C LEU B 356 9.94 -20.00 23.73
N TRP B 357 10.03 -20.92 22.76
CA TRP B 357 9.25 -22.15 22.86
C TRP B 357 9.68 -22.99 24.05
N ALA B 358 11.00 -23.09 24.29
CA ALA B 358 11.49 -23.86 25.42
C ALA B 358 10.97 -23.31 26.75
N GLU B 359 10.95 -21.98 26.90
CA GLU B 359 10.43 -21.37 28.12
C GLU B 359 8.95 -21.66 28.29
N SER B 360 8.17 -21.50 27.21
CA SER B 360 6.75 -21.82 27.24
C SER B 360 6.49 -23.23 27.76
N GLN B 361 7.39 -24.18 27.45
CA GLN B 361 7.25 -25.55 27.90
C GLN B 361 7.90 -25.80 29.25
N GLY B 362 8.20 -24.75 30.01
CA GLY B 362 8.69 -24.88 31.36
C GLY B 362 10.19 -24.95 31.53
N GLU B 363 10.97 -24.76 30.46
CA GLU B 363 12.41 -24.87 30.56
C GLU B 363 13.03 -23.53 30.97
N ASP B 364 14.30 -23.59 31.36
CA ASP B 364 15.04 -22.42 31.82
C ASP B 364 15.67 -21.75 30.59
N GLY B 365 15.10 -20.61 30.18
CA GLY B 365 15.61 -19.93 29.00
C GLY B 365 17.02 -19.41 29.17
N GLN B 366 17.30 -18.81 30.34
CA GLN B 366 18.65 -18.29 30.59
C GLN B 366 19.70 -19.39 30.48
N ALA B 367 19.37 -20.58 30.96
CA ALA B 367 20.31 -21.70 30.85
C ALA B 367 20.59 -22.02 29.39
N MET B 368 19.54 -22.06 28.56
CA MET B 368 19.74 -22.32 27.14
C MET B 368 20.58 -21.21 26.49
N ALA B 369 20.27 -19.95 26.81
CA ALA B 369 21.06 -18.84 26.28
C ALA B 369 22.52 -18.86 26.73
N ALA B 370 22.79 -19.33 27.95
CA ALA B 370 24.15 -19.42 28.45
C ALA B 370 24.88 -20.50 27.70
N ASP B 371 24.13 -21.54 27.31
CA ASP B 371 24.62 -22.72 26.64
C ASP B 371 24.92 -22.43 25.18
N TRP B 372 24.12 -21.56 24.57
CA TRP B 372 24.41 -20.95 23.26
C TRP B 372 25.69 -20.12 23.28
N TYR B 373 25.83 -19.27 24.30
CA TYR B 373 27.01 -18.43 24.43
C TYR B 373 28.27 -19.27 24.51
N ALA B 374 28.22 -20.36 25.28
CA ALA B 374 29.38 -21.25 25.41
C ALA B 374 29.80 -21.81 24.06
N ARG B 375 28.84 -22.19 23.22
CA ARG B 375 29.18 -22.77 21.92
C ARG B 375 29.70 -21.73 20.95
N LEU B 376 29.31 -20.47 21.12
CA LEU B 376 29.83 -19.40 20.27
C LEU B 376 31.20 -18.93 20.71
N SER B 377 31.41 -18.82 22.03
CA SER B 377 32.71 -18.45 22.58
C SER B 377 33.85 -19.22 21.92
N VAL B 378 33.65 -20.51 21.65
CA VAL B 378 34.72 -21.37 21.17
C VAL B 378 35.11 -21.02 19.73
N LEU B 379 34.20 -20.46 18.94
CA LEU B 379 34.46 -20.15 17.54
C LEU B 379 34.67 -18.65 17.35
N PRO B 380 35.25 -18.23 16.23
CA PRO B 380 35.39 -16.79 15.96
C PRO B 380 34.02 -16.14 15.75
N SER B 381 34.01 -14.83 15.91
CA SER B 381 32.80 -14.03 15.74
C SER B 381 33.03 -13.00 14.64
N ARG B 382 31.96 -12.27 14.33
CA ARG B 382 31.97 -11.30 13.24
C ARG B 382 30.82 -10.33 13.47
N PRO B 383 30.86 -9.16 12.84
CA PRO B 383 29.66 -8.32 12.82
C PRO B 383 28.50 -9.08 12.20
N LEU B 384 27.28 -8.72 12.60
CA LEU B 384 26.13 -9.51 12.18
C LEU B 384 25.79 -9.32 10.71
N ARG B 385 26.25 -8.23 10.10
CA ARG B 385 26.14 -8.05 8.65
C ARG B 385 27.26 -8.85 7.99
N ALA B 386 26.91 -9.95 7.34
CA ALA B 386 27.90 -10.78 6.67
C ALA B 386 28.57 -10.02 5.53
N THR B 387 29.81 -10.40 5.22
CA THR B 387 30.57 -9.75 4.16
C THR B 387 30.88 -10.66 2.98
N ARG B 388 30.84 -11.98 3.17
CA ARG B 388 31.13 -12.93 2.10
C ARG B 388 30.16 -14.10 2.21
N GLU B 389 30.25 -15.01 1.25
CA GLU B 389 29.23 -16.04 1.09
C GLU B 389 29.20 -17.00 2.28
N GLU B 390 30.37 -17.49 2.70
CA GLU B 390 30.42 -18.54 3.73
C GLU B 390 29.89 -18.08 5.08
N GLU B 391 29.70 -16.78 5.29
CA GLU B 391 29.27 -16.27 6.58
C GLU B 391 27.76 -16.29 6.76
N ILE B 392 26.99 -16.25 5.67
CA ILE B 392 25.57 -15.97 5.78
C ILE B 392 24.81 -17.10 6.48
N PHE B 393 25.38 -18.30 6.57
CA PHE B 393 24.74 -19.39 7.30
C PHE B 393 25.71 -20.02 8.30
N ASP B 394 26.60 -19.21 8.89
CA ASP B 394 27.55 -19.71 9.87
C ASP B 394 26.93 -19.64 11.27
N ALA B 395 27.73 -20.01 12.28
CA ALA B 395 27.24 -20.09 13.65
C ALA B 395 26.83 -18.73 14.21
N SER B 396 27.35 -17.63 13.67
CA SER B 396 27.01 -16.32 14.22
C SER B 396 25.71 -15.78 13.65
N ALA B 397 25.34 -16.19 12.44
CA ALA B 397 24.03 -15.80 11.91
C ALA B 397 22.91 -16.35 12.79
N TYR B 398 23.07 -17.57 13.30
CA TYR B 398 22.05 -18.19 14.12
C TYR B 398 22.13 -17.71 15.57
N PHE B 399 23.27 -17.95 16.23
CA PHE B 399 23.35 -17.84 17.68
C PHE B 399 23.79 -16.46 18.16
N ARG B 400 24.67 -15.77 17.42
CA ARG B 400 24.94 -14.38 17.81
C ARG B 400 23.74 -13.50 17.54
N GLY B 401 22.96 -13.83 16.51
CA GLY B 401 21.72 -13.11 16.29
C GLY B 401 20.68 -13.38 17.36
N ALA B 402 20.56 -14.66 17.76
CA ALA B 402 19.63 -15.00 18.84
C ALA B 402 20.04 -14.34 20.15
N LEU B 403 21.33 -14.41 20.49
CA LEU B 403 21.81 -13.80 21.72
C LEU B 403 21.70 -12.28 21.68
N ALA B 404 21.74 -11.69 20.48
CA ALA B 404 21.48 -10.26 20.35
C ALA B 404 20.06 -9.91 20.80
N LEU B 405 19.09 -10.76 20.45
CA LEU B 405 17.72 -10.56 20.90
C LEU B 405 17.57 -10.80 22.39
N HIS B 406 18.32 -11.76 22.93
CA HIS B 406 18.32 -12.00 24.37
C HIS B 406 18.78 -10.75 25.12
N ALA B 407 19.86 -10.12 24.64
CA ALA B 407 20.34 -8.89 25.27
C ALA B 407 19.28 -7.80 25.23
N LEU B 408 18.65 -7.60 24.07
CA LEU B 408 17.58 -6.61 23.96
C LEU B 408 16.43 -6.94 24.91
N ARG B 409 16.02 -8.22 24.93
CA ARG B 409 14.93 -8.63 25.80
C ARG B 409 15.22 -8.33 27.27
N LEU B 410 16.39 -8.74 27.75
CA LEU B 410 16.75 -8.47 29.14
C LEU B 410 16.89 -6.98 29.41
N LYS B 411 17.27 -6.20 28.39
CA LYS B 411 17.39 -4.76 28.56
C LYS B 411 16.04 -4.12 28.83
N VAL B 412 15.05 -4.41 27.99
CA VAL B 412 13.78 -3.69 28.04
C VAL B 412 12.72 -4.39 28.88
N GLY B 413 12.84 -5.69 29.11
CA GLY B 413 11.79 -6.41 29.79
C GLY B 413 10.94 -7.22 28.82
N ASP B 414 10.35 -8.30 29.34
CA ASP B 414 9.64 -9.23 28.47
C ASP B 414 8.41 -8.59 27.84
N ALA B 415 7.72 -7.71 28.58
CA ALA B 415 6.52 -7.07 28.02
C ALA B 415 6.88 -6.16 26.85
N ALA B 416 7.85 -5.27 27.05
CA ALA B 416 8.28 -4.40 25.96
C ALA B 416 8.87 -5.20 24.80
N PHE B 417 9.65 -6.23 25.11
CA PHE B 417 10.24 -7.07 24.07
C PHE B 417 9.15 -7.73 23.23
N GLY B 418 8.13 -8.29 23.88
CA GLY B 418 7.07 -8.97 23.14
C GLY B 418 6.31 -8.04 22.22
N GLN B 419 5.91 -6.87 22.72
CA GLN B 419 5.21 -5.91 21.88
C GLN B 419 6.11 -5.42 20.75
N PHE B 420 7.42 -5.29 21.01
CA PHE B 420 8.35 -4.91 19.95
C PHE B 420 8.34 -5.91 18.80
N LEU B 421 8.43 -7.20 19.12
CA LEU B 421 8.39 -8.24 18.08
C LEU B 421 7.11 -8.13 17.27
N HIS B 422 5.99 -7.87 17.94
CA HIS B 422 4.74 -7.60 17.21
C HIS B 422 4.90 -6.41 16.27
N SER B 423 5.47 -5.31 16.77
CA SER B 423 5.69 -4.14 15.94
C SER B 423 6.74 -4.41 14.87
N TYR B 424 7.75 -5.22 15.18
CA TYR B 424 8.75 -5.58 14.17
C TYR B 424 8.12 -6.33 13.01
N VAL B 425 7.25 -7.29 13.30
CA VAL B 425 6.59 -8.05 12.24
C VAL B 425 5.74 -7.14 11.37
N LYS B 426 4.97 -6.24 12.00
CA LYS B 426 4.08 -5.37 11.23
C LYS B 426 4.85 -4.31 10.47
N THR B 427 5.92 -3.77 11.07
CA THR B 427 6.72 -2.75 10.40
C THR B 427 7.29 -3.27 9.08
N PHE B 428 7.74 -4.53 9.06
CA PHE B 428 8.45 -5.08 7.91
C PHE B 428 7.62 -6.13 7.18
N THR B 429 6.30 -6.04 7.26
CA THR B 429 5.43 -6.80 6.37
C THR B 429 5.20 -5.97 5.12
N GLY B 430 5.53 -6.52 3.96
CA GLY B 430 5.47 -5.75 2.73
C GLY B 430 6.57 -4.73 2.57
N ARG B 431 7.67 -4.89 3.32
CA ARG B 431 8.82 -4.02 3.25
C ARG B 431 10.04 -4.81 3.70
N PRO B 432 11.06 -4.98 2.85
CA PRO B 432 12.23 -5.78 3.23
C PRO B 432 12.98 -5.17 4.40
N VAL B 433 13.54 -6.04 5.24
CA VAL B 433 14.17 -5.61 6.48
C VAL B 433 15.67 -5.58 6.32
N SER B 434 16.32 -4.71 7.09
CA SER B 434 17.77 -4.57 7.11
C SER B 434 18.22 -4.36 8.54
N THR B 435 19.47 -4.71 8.81
CA THR B 435 20.05 -4.46 10.13
C THR B 435 19.95 -2.99 10.50
N THR B 436 20.25 -2.09 9.55
CA THR B 436 20.11 -0.66 9.81
C THR B 436 18.66 -0.31 10.15
N ALA B 437 17.70 -0.88 9.42
CA ALA B 437 16.29 -0.58 9.67
C ALA B 437 15.82 -1.15 11.01
N LEU B 438 16.34 -2.30 11.43
CA LEU B 438 15.99 -2.83 12.75
C LEU B 438 16.46 -1.89 13.85
N LEU B 439 17.73 -1.48 13.80
CA LEU B 439 18.27 -0.57 14.80
C LEU B 439 17.47 0.73 14.86
N THR B 440 17.05 1.24 13.69
CA THR B 440 16.22 2.44 13.65
C THR B 440 14.89 2.21 14.35
N LEU B 441 14.24 1.08 14.06
CA LEU B 441 12.97 0.77 14.71
C LEU B 441 13.15 0.58 16.21
N VAL B 442 14.27 0.01 16.63
CA VAL B 442 14.52 -0.15 18.07
C VAL B 442 14.66 1.21 18.74
N LYS B 443 15.43 2.11 18.13
CA LYS B 443 15.55 3.45 18.66
C LYS B 443 14.20 4.15 18.68
N THR B 444 13.41 3.98 17.62
CA THR B 444 12.11 4.63 17.55
C THR B 444 11.14 4.08 18.59
N GLN B 445 11.11 2.75 18.74
CA GLN B 445 10.12 2.09 19.59
C GLN B 445 10.59 1.90 21.02
N LEU B 446 11.84 1.47 21.22
CA LEU B 446 12.32 1.08 22.54
C LEU B 446 13.26 2.10 23.18
N GLY B 447 13.74 3.08 22.43
CA GLY B 447 14.60 4.09 23.01
C GLY B 447 16.05 3.89 22.59
N ALA B 448 16.81 4.99 22.66
CA ALA B 448 18.21 4.94 22.22
C ALA B 448 19.05 4.01 23.08
N GLU B 449 18.74 3.88 24.37
CA GLU B 449 19.51 2.97 25.21
C GLU B 449 19.37 1.54 24.74
N ALA B 450 18.14 1.11 24.43
CA ALA B 450 17.93 -0.20 23.84
C ALA B 450 18.63 -0.33 22.50
N GLU B 451 18.53 0.70 21.66
CA GLU B 451 19.23 0.71 20.37
C GLU B 451 20.73 0.52 20.56
N GLN B 452 21.32 1.20 21.55
CA GLN B 452 22.75 1.03 21.81
C GLN B 452 23.06 -0.39 22.24
N THR B 453 22.21 -0.99 23.06
CA THR B 453 22.44 -2.36 23.51
C THR B 453 22.47 -3.33 22.33
N LEU B 454 21.48 -3.23 21.44
CA LEU B 454 21.49 -4.03 20.23
C LEU B 454 22.70 -3.69 19.36
N ARG B 455 23.05 -2.40 19.28
CA ARG B 455 24.20 -1.98 18.48
C ARG B 455 25.48 -2.70 18.92
N VAL B 456 25.66 -2.85 20.23
CA VAL B 456 26.82 -3.56 20.76
C VAL B 456 26.93 -4.95 20.13
N TRP B 457 25.80 -5.64 20.01
CA TRP B 457 25.80 -7.00 19.47
C TRP B 457 25.81 -7.03 17.96
N VAL B 458 25.35 -5.96 17.30
CA VAL B 458 25.29 -5.92 15.85
C VAL B 458 26.66 -5.61 15.25
N GLU B 459 27.41 -4.72 15.87
CA GLU B 459 28.72 -4.32 15.38
C GLU B 459 29.82 -4.93 16.23
N GLY B 460 31.05 -4.77 15.78
CA GLY B 460 32.18 -5.30 16.49
C GLY B 460 32.44 -6.75 16.10
N ARG B 461 33.70 -7.10 15.89
CA ARG B 461 34.02 -8.45 15.45
C ARG B 461 33.97 -9.47 16.58
N THR B 462 34.16 -9.04 17.82
CA THR B 462 34.22 -9.97 18.95
C THR B 462 32.85 -10.08 19.63
N LEU B 463 32.66 -11.21 20.31
CA LEU B 463 31.38 -11.53 20.94
C LEU B 463 31.23 -10.78 22.27
N PRO B 464 30.21 -9.94 22.43
CA PRO B 464 30.03 -9.21 23.71
C PRO B 464 29.75 -10.17 24.85
N PRO B 465 29.80 -9.70 26.10
CA PRO B 465 29.57 -10.60 27.24
C PRO B 465 28.18 -11.20 27.22
N LEU B 466 28.03 -12.32 27.92
CA LEU B 466 26.77 -13.06 27.97
C LEU B 466 25.67 -12.20 28.58
N PRO B 467 24.56 -11.98 27.87
CA PRO B 467 23.46 -11.18 28.44
C PRO B 467 22.85 -11.89 29.65
N GLU B 468 22.82 -11.19 30.78
CA GLU B 468 22.33 -11.76 32.02
C GLU B 468 21.30 -10.84 32.65
N PRO B 469 20.35 -11.41 33.39
CA PRO B 469 19.33 -10.58 34.08
C PRO B 469 19.98 -9.70 35.14
N VAL B 470 19.81 -8.39 34.99
CA VAL B 470 20.37 -7.42 35.93
C VAL B 470 19.83 -7.64 37.35
ZN ZN C . -13.25 19.19 -11.58
N ARG D . -10.54 18.52 -9.20
CA ARG D . -9.70 19.19 -10.19
C ARG D . -10.53 19.74 -11.34
O ARG D . -10.10 19.75 -12.50
CB ARG D . -8.64 18.23 -10.71
CG ARG D . -9.18 16.89 -11.12
CD ARG D . -8.08 15.98 -11.59
NE ARG D . -7.55 16.41 -12.88
CZ ARG D . -7.88 15.86 -14.04
NH1 ARG D . -8.75 14.86 -14.08
NH2 ARG D . -7.35 16.31 -15.18
OXT ARG D . -11.64 20.22 -11.12
NA NA E . -15.33 13.35 9.37
ZN ZN F . 16.70 -21.13 9.80
N ARG G . 16.26 -21.83 6.25
CA ARG G . 16.95 -23.08 6.56
C ARG G . 17.02 -23.27 8.07
O ARG G . 17.72 -24.13 8.61
CB ARG G . 18.34 -23.08 5.93
CG ARG G . 18.99 -24.44 5.87
CD ARG G . 20.07 -24.46 4.81
NE ARG G . 19.51 -24.28 3.48
CZ ARG G . 18.91 -25.24 2.78
NH1 ARG G . 18.42 -24.98 1.58
NH2 ARG G . 18.80 -26.46 3.29
OXT ARG G . 16.35 -22.55 8.79
NA NA H . 6.90 -8.38 -4.99
#